data_6DXP
#
_entry.id   6DXP
#
_cell.length_a   133.668
_cell.length_b   97.323
_cell.length_c   77.534
_cell.angle_alpha   90.000
_cell.angle_beta   90.710
_cell.angle_gamma   90.000
#
_symmetry.space_group_name_H-M   'C 1 2 1'
#
loop_
_entity.id
_entity.type
_entity.pdbx_description
1 polymer 'FMN-dependent NADH-azoreductase'
2 non-polymer 'FLAVIN MONONUCLEOTIDE'
3 water water
#
_entity_poly.entity_id   1
_entity_poly.type   'polypeptide(L)'
_entity_poly.pdbx_seq_one_letter_code
;MHHHHHHSSGVDLGTENLYFQSMANVLVLKSSINGETSLTNQLINEFLAARQAAGHGDRLIEHDLSAMALPTLDRPLFAA
LRGAVDPQPAIREAVALSDQLIAELKASDLLVIGAPMYNLNVPTDLKKWFDLVARARETFRYTESWPQGLVEGVRAVVVS
SRGGIHQGETTDAVTPYLRAVLGLMGIQEVEFIYAEGLDNRPHGRDAGIASARAQIARLAVPA
;
_entity_poly.pdbx_strand_id   A,C,B,D
#
# COMPACT_ATOMS: atom_id res chain seq x y z
N LEU A 18 33.60 2.65 31.59
CA LEU A 18 33.24 3.46 30.38
C LEU A 18 32.56 2.62 29.30
N TYR A 19 33.23 1.55 28.82
CA TYR A 19 32.68 0.74 27.73
C TYR A 19 31.30 0.16 28.05
N PHE A 20 31.18 -0.44 29.24
CA PHE A 20 29.91 -1.05 29.69
C PHE A 20 28.75 -0.05 29.93
N GLN A 21 29.06 1.13 30.48
CA GLN A 21 28.07 2.23 30.56
C GLN A 21 27.72 2.84 29.18
N SER A 22 28.71 2.96 28.30
CA SER A 22 28.50 3.46 26.93
C SER A 22 27.61 2.56 26.05
N MET A 23 27.61 1.25 26.32
CA MET A 23 26.80 0.23 25.61
C MET A 23 25.35 0.64 25.27
N ALA A 24 24.93 0.42 24.03
CA ALA A 24 23.54 0.70 23.65
C ALA A 24 22.62 -0.43 24.11
N ASN A 25 21.41 -0.06 24.55
CA ASN A 25 20.38 -1.00 25.02
C ASN A 25 19.40 -1.36 23.93
N VAL A 26 19.28 -2.65 23.60
CA VAL A 26 18.39 -3.07 22.53
C VAL A 26 17.22 -3.89 23.08
N LEU A 27 16.05 -3.71 22.47
CA LEU A 27 14.87 -4.52 22.77
C LEU A 27 14.58 -5.25 21.48
N VAL A 28 14.37 -6.56 21.56
CA VAL A 28 14.35 -7.39 20.36
C VAL A 28 13.15 -8.29 20.38
N LEU A 29 12.17 -7.97 19.56
CA LEU A 29 10.95 -8.72 19.51
C LEU A 29 10.97 -9.62 18.28
N LYS A 30 10.65 -10.88 18.50
CA LYS A 30 10.52 -11.87 17.45
C LYS A 30 9.06 -12.35 17.49
N SER A 31 8.37 -12.27 16.35
CA SER A 31 6.97 -12.71 16.22
C SER A 31 6.74 -13.89 15.28
N SER A 32 7.77 -14.45 14.63
CA SER A 32 7.54 -15.52 13.66
C SER A 32 7.03 -16.79 14.34
N ILE A 33 6.26 -17.56 13.59
CA ILE A 33 5.75 -18.86 14.05
C ILE A 33 6.54 -20.00 13.44
N ASN A 34 7.65 -19.68 12.77
CA ASN A 34 8.50 -20.69 12.14
C ASN A 34 9.64 -21.22 13.04
N GLY A 35 9.86 -20.57 14.19
CA GLY A 35 10.78 -21.07 15.22
C GLY A 35 12.25 -21.01 14.83
N GLU A 36 12.88 -22.18 14.75
CA GLU A 36 14.29 -22.27 14.31
C GLU A 36 14.49 -21.93 12.81
N THR A 37 13.49 -22.21 11.96
CA THR A 37 13.57 -21.90 10.52
C THR A 37 13.22 -20.45 10.18
N SER A 38 13.00 -19.60 11.19
CA SER A 38 12.49 -18.26 10.93
C SER A 38 13.52 -17.37 10.24
N LEU A 39 13.28 -17.06 8.97
CA LEU A 39 14.10 -16.13 8.23
C LEU A 39 14.19 -14.74 8.86
N THR A 40 13.10 -14.20 9.41
CA THR A 40 13.17 -12.90 10.11
C THR A 40 14.05 -12.97 11.37
N ASN A 41 14.06 -14.15 12.01
CA ASN A 41 14.87 -14.35 13.21
C ASN A 41 16.37 -14.49 12.91
N GLN A 42 16.73 -15.29 11.90
CA GLN A 42 18.08 -15.24 11.32
C GLN A 42 18.51 -13.80 11.14
N LEU A 43 17.74 -13.07 10.34
CA LEU A 43 18.16 -11.76 9.85
C LEU A 43 18.31 -10.75 10.98
N ILE A 44 17.56 -10.94 12.06
CA ILE A 44 17.74 -10.10 13.27
C ILE A 44 19.08 -10.42 13.92
N ASN A 45 19.32 -11.70 14.13
CA ASN A 45 20.61 -12.14 14.64
C ASN A 45 21.74 -11.65 13.73
N GLU A 46 21.56 -11.80 12.41
CA GLU A 46 22.53 -11.29 11.43
C GLU A 46 22.74 -9.78 11.55
N PHE A 47 21.66 -9.05 11.77
CA PHE A 47 21.73 -7.61 11.94
C PHE A 47 22.46 -7.27 13.22
N LEU A 48 22.18 -8.02 14.28
CA LEU A 48 22.75 -7.72 15.58
C LEU A 48 24.23 -8.01 15.64
N ALA A 49 24.62 -9.09 14.97
CA ALA A 49 26.02 -9.51 14.80
C ALA A 49 26.82 -8.51 13.99
N ALA A 50 26.23 -8.05 12.88
CA ALA A 50 26.82 -7.00 12.07
C ALA A 50 26.98 -5.64 12.82
N ARG A 51 26.08 -5.34 13.77
CA ARG A 51 26.26 -4.20 14.68
C ARG A 51 27.48 -4.38 15.58
N GLN A 52 27.67 -5.61 16.09
CA GLN A 52 28.87 -5.94 16.86
C GLN A 52 30.07 -5.73 15.94
N ALA A 53 30.05 -6.38 14.77
CA ALA A 53 31.09 -6.25 13.73
C ALA A 53 31.51 -4.81 13.43
N ALA A 54 30.54 -3.91 13.55
CA ALA A 54 30.74 -2.48 13.40
C ALA A 54 31.18 -1.72 14.69
N GLY A 55 31.57 -2.45 15.73
CA GLY A 55 32.01 -1.86 17.00
C GLY A 55 30.90 -1.27 17.85
N HIS A 56 29.79 -1.98 17.93
CA HIS A 56 28.70 -1.58 18.82
C HIS A 56 28.51 -2.68 19.84
N GLY A 57 28.59 -2.31 21.13
CA GLY A 57 28.22 -3.19 22.23
C GLY A 57 26.73 -3.10 22.53
N ASP A 58 26.03 -4.23 22.41
CA ASP A 58 24.59 -4.28 22.66
C ASP A 58 24.16 -5.06 23.91
N ARG A 59 23.24 -4.45 24.65
CA ARG A 59 22.58 -5.02 25.80
C ARG A 59 21.13 -5.35 25.40
N LEU A 60 20.91 -6.62 25.09
CA LEU A 60 19.68 -7.11 24.50
C LEU A 60 18.69 -7.54 25.56
N ILE A 61 17.44 -7.11 25.43
CA ILE A 61 16.31 -7.79 26.05
C ILE A 61 15.56 -8.47 24.89
N GLU A 62 15.50 -9.80 24.90
CA GLU A 62 14.88 -10.56 23.80
C GLU A 62 13.53 -11.13 24.20
N HIS A 63 12.52 -10.93 23.33
CA HIS A 63 11.20 -11.53 23.50
C HIS A 63 10.78 -12.32 22.30
N ASP A 64 10.74 -13.64 22.45
CA ASP A 64 10.02 -14.49 21.50
C ASP A 64 8.51 -14.41 21.80
N LEU A 65 7.88 -13.40 21.21
CA LEU A 65 6.44 -13.14 21.43
C LEU A 65 5.62 -14.40 21.11
N SER A 66 6.05 -15.15 20.11
CA SER A 66 5.50 -16.45 19.76
C SER A 66 5.29 -17.38 20.95
N ALA A 67 6.24 -17.43 21.89
CA ALA A 67 6.22 -18.41 22.99
C ALA A 67 5.62 -17.88 24.29
N MET A 68 5.37 -16.57 24.32
CA MET A 68 4.85 -15.91 25.53
C MET A 68 3.35 -16.05 25.78
N ALA A 69 2.61 -16.64 24.83
CA ALA A 69 1.15 -16.74 24.94
C ALA A 69 0.50 -15.44 25.44
N LEU A 70 0.65 -14.37 24.66
CA LEU A 70 0.11 -13.08 25.10
C LEU A 70 -1.43 -13.08 25.00
N PRO A 71 -2.09 -12.28 25.86
CA PRO A 71 -3.55 -12.21 25.81
C PRO A 71 -4.03 -11.34 24.66
N THR A 72 -5.15 -11.72 24.06
CA THR A 72 -5.86 -10.85 23.13
C THR A 72 -6.36 -9.64 23.88
N LEU A 73 -6.45 -8.50 23.20
CA LEU A 73 -7.07 -7.31 23.81
C LEU A 73 -8.60 -7.51 23.84
N ASP A 74 -9.20 -7.39 25.04
CA ASP A 74 -10.65 -7.54 25.23
C ASP A 74 -11.22 -6.33 25.98
N ARG A 75 -12.53 -6.36 26.26
CA ARG A 75 -13.20 -5.24 26.95
C ARG A 75 -12.61 -4.95 28.33
N PRO A 76 -12.55 -5.96 29.22
CA PRO A 76 -12.00 -5.69 30.55
C PRO A 76 -10.51 -5.31 30.56
N LEU A 77 -9.70 -6.01 29.76
CA LEU A 77 -8.27 -5.67 29.69
C LEU A 77 -8.09 -4.23 29.24
N PHE A 78 -8.83 -3.83 28.21
CA PHE A 78 -8.76 -2.45 27.74
C PHE A 78 -9.10 -1.43 28.83
N ALA A 79 -10.15 -1.72 29.60
CA ALA A 79 -10.60 -0.87 30.71
C ALA A 79 -9.52 -0.73 31.76
N ALA A 80 -9.04 -1.88 32.22
CA ALA A 80 -7.94 -1.97 33.19
C ALA A 80 -6.75 -1.16 32.75
N LEU A 81 -6.36 -1.37 31.50
CA LEU A 81 -5.22 -0.67 30.88
C LEU A 81 -5.44 0.84 30.73
N ARG A 82 -6.69 1.27 30.62
CA ARG A 82 -7.03 2.68 30.57
C ARG A 82 -6.86 3.41 31.94
N GLY A 83 -6.74 2.65 33.03
CA GLY A 83 -6.55 3.19 34.39
C GLY A 83 -7.52 2.68 35.45
N ALA A 84 -8.44 1.80 35.08
CA ALA A 84 -9.44 1.23 36.00
C ALA A 84 -8.78 0.19 36.88
N VAL A 85 -9.28 0.06 38.10
CA VAL A 85 -8.83 -1.00 39.01
C VAL A 85 -9.75 -2.15 38.69
N ASP A 86 -9.19 -3.19 38.09
CA ASP A 86 -9.91 -4.41 37.80
C ASP A 86 -9.24 -5.41 38.71
N PRO A 87 -10.00 -6.37 39.28
CA PRO A 87 -9.27 -7.25 40.16
C PRO A 87 -8.97 -8.63 39.58
N GLN A 88 -9.68 -9.06 38.53
CA GLN A 88 -9.58 -10.46 38.11
C GLN A 88 -8.09 -10.79 37.98
N PRO A 89 -7.70 -12.03 38.34
CA PRO A 89 -6.26 -12.32 38.43
C PRO A 89 -5.54 -12.23 37.07
N ALA A 90 -6.08 -12.92 36.06
CA ALA A 90 -5.46 -12.96 34.72
C ALA A 90 -5.33 -11.57 34.04
N ILE A 91 -6.24 -10.65 34.36
CA ILE A 91 -6.19 -9.27 33.86
C ILE A 91 -5.08 -8.52 34.55
N ARG A 92 -5.11 -8.50 35.89
CA ARG A 92 -4.03 -7.88 36.69
C ARG A 92 -2.64 -8.43 36.29
N GLU A 93 -2.57 -9.74 36.03
CA GLU A 93 -1.35 -10.38 35.48
C GLU A 93 -0.94 -9.90 34.08
N ALA A 94 -1.94 -9.55 33.26
CA ALA A 94 -1.70 -9.03 31.92
C ALA A 94 -1.33 -7.55 31.95
N VAL A 95 -1.82 -6.85 32.96
CA VAL A 95 -1.49 -5.42 33.14
C VAL A 95 -0.08 -5.28 33.67
N ALA A 96 0.32 -6.25 34.49
CA ALA A 96 1.66 -6.28 35.05
C ALA A 96 2.66 -6.47 33.92
N LEU A 97 2.34 -7.38 33.01
CA LEU A 97 3.07 -7.59 31.75
C LEU A 97 3.10 -6.36 30.84
N SER A 98 1.97 -5.65 30.72
CA SER A 98 1.95 -4.39 29.97
C SER A 98 2.97 -3.42 30.54
N ASP A 99 2.91 -3.17 31.85
CA ASP A 99 3.80 -2.15 32.46
C ASP A 99 5.25 -2.60 32.35
N GLN A 100 5.45 -3.92 32.34
CA GLN A 100 6.76 -4.51 32.12
C GLN A 100 7.30 -4.20 30.72
N LEU A 101 6.50 -4.54 29.70
CA LEU A 101 6.92 -4.36 28.33
C LEU A 101 7.18 -2.89 27.99
N ILE A 102 6.41 -2.01 28.63
CA ILE A 102 6.54 -0.56 28.43
C ILE A 102 7.78 -0.03 29.13
N ALA A 103 8.06 -0.52 30.34
CA ALA A 103 9.32 -0.15 31.05
C ALA A 103 10.57 -0.54 30.25
N GLU A 104 10.58 -1.80 29.82
CA GLU A 104 11.55 -2.35 28.87
C GLU A 104 11.74 -1.50 27.63
N LEU A 105 10.62 -1.13 27.00
CA LEU A 105 10.61 -0.27 25.82
C LEU A 105 11.16 1.13 26.07
N LYS A 106 10.65 1.83 27.08
CA LYS A 106 11.13 3.19 27.41
C LYS A 106 12.61 3.20 27.73
N ALA A 107 13.06 2.18 28.45
CA ALA A 107 14.47 2.05 28.80
C ALA A 107 15.40 1.86 27.60
N SER A 108 14.92 1.16 26.58
CA SER A 108 15.72 0.82 25.42
C SER A 108 16.09 2.02 24.54
N ASP A 109 17.20 1.87 23.80
CA ASP A 109 17.70 2.83 22.81
C ASP A 109 17.29 2.52 21.37
N LEU A 110 17.30 1.23 21.03
CA LEU A 110 17.02 0.75 19.67
C LEU A 110 16.03 -0.39 19.75
N LEU A 111 14.93 -0.31 18.99
CA LEU A 111 13.92 -1.37 18.95
C LEU A 111 13.98 -2.15 17.65
N VAL A 112 14.07 -3.47 17.73
CA VAL A 112 14.26 -4.32 16.56
C VAL A 112 13.12 -5.29 16.55
N ILE A 113 12.39 -5.37 15.45
CA ILE A 113 11.17 -6.18 15.41
C ILE A 113 11.15 -7.10 14.21
N GLY A 114 10.84 -8.36 14.44
CA GLY A 114 10.64 -9.33 13.36
C GLY A 114 9.18 -9.25 12.99
N ALA A 115 8.88 -8.95 11.73
CA ALA A 115 7.48 -8.74 11.29
C ALA A 115 7.24 -9.34 9.89
N PRO A 116 7.30 -10.66 9.79
CA PRO A 116 7.06 -11.25 8.48
C PRO A 116 5.61 -11.07 8.09
N MET A 117 5.31 -10.98 6.82
CA MET A 117 3.93 -10.74 6.44
C MET A 117 3.16 -12.04 6.44
N TYR A 118 2.05 -12.05 7.20
CA TYR A 118 1.09 -13.16 7.23
C TYR A 118 -0.31 -12.67 6.90
N ASN A 119 -0.89 -13.23 5.84
CA ASN A 119 -2.22 -12.85 5.36
C ASN A 119 -2.39 -11.34 5.41
N LEU A 120 -1.41 -10.74 4.76
CA LEU A 120 -1.22 -9.31 4.54
C LEU A 120 -1.16 -8.43 5.77
N ASN A 121 -1.02 -9.04 6.94
CA ASN A 121 -0.84 -8.30 8.17
C ASN A 121 0.42 -8.83 8.83
N VAL A 122 0.87 -8.14 9.87
CA VAL A 122 1.89 -8.69 10.76
C VAL A 122 1.34 -9.95 11.47
N PRO A 123 2.20 -10.73 12.17
CA PRO A 123 1.62 -11.89 12.85
C PRO A 123 0.92 -11.48 14.16
N THR A 124 -0.04 -12.31 14.55
CA THR A 124 -0.95 -11.95 15.63
C THR A 124 -0.18 -11.52 16.88
N ASP A 125 0.96 -12.18 17.15
CA ASP A 125 1.67 -11.99 18.40
C ASP A 125 2.34 -10.61 18.40
N LEU A 126 2.74 -10.10 17.23
CA LEU A 126 3.31 -8.74 17.13
C LEU A 126 2.25 -7.70 17.42
N LYS A 127 1.10 -7.92 16.79
CA LYS A 127 -0.06 -7.10 17.01
C LYS A 127 -0.44 -7.05 18.49
N LYS A 128 -0.46 -8.20 19.14
CA LYS A 128 -0.80 -8.25 20.56
C LYS A 128 0.16 -7.46 21.42
N TRP A 129 1.44 -7.44 21.04
CA TRP A 129 2.45 -6.65 21.73
C TRP A 129 2.08 -5.18 21.65
N PHE A 130 1.77 -4.73 20.43
CA PHE A 130 1.39 -3.35 20.22
C PHE A 130 0.11 -3.00 20.98
N ASP A 131 -0.82 -3.95 21.07
CA ASP A 131 -2.05 -3.72 21.83
C ASP A 131 -1.80 -3.51 23.35
N LEU A 132 -0.80 -4.19 23.92
CA LEU A 132 -0.46 -3.99 25.36
C LEU A 132 0.43 -2.79 25.67
N VAL A 133 1.12 -2.30 24.65
CA VAL A 133 2.18 -1.29 24.82
C VAL A 133 1.75 0.12 24.36
N ALA A 134 1.03 0.17 23.24
CA ALA A 134 0.32 1.38 22.82
C ALA A 134 -0.83 1.62 23.80
N ARG A 135 -0.53 2.42 24.82
CA ARG A 135 -1.42 2.71 25.94
C ARG A 135 -1.42 4.20 26.22
N ALA A 136 -2.61 4.75 26.38
CA ALA A 136 -2.76 6.14 26.78
C ALA A 136 -2.29 6.36 28.22
N ARG A 137 -1.71 7.54 28.46
CA ARG A 137 -1.08 7.93 29.74
C ARG A 137 0.32 7.30 29.97
N GLU A 138 0.66 6.25 29.21
CA GLU A 138 1.90 5.50 29.41
C GLU A 138 2.90 5.70 28.24
N THR A 139 2.53 5.27 27.03
CA THR A 139 3.37 5.54 25.83
C THR A 139 2.85 6.76 25.00
N PHE A 140 1.62 7.22 25.24
CA PHE A 140 1.12 8.46 24.62
C PHE A 140 0.05 9.16 25.43
N ARG A 141 0.03 10.50 25.40
CA ARG A 141 -1.03 11.26 26.05
C ARG A 141 -1.81 12.07 25.03
N TYR A 142 -3.11 12.18 25.27
CA TYR A 142 -4.00 12.92 24.39
C TYR A 142 -3.74 14.41 24.45
N THR A 143 -3.77 15.05 23.28
CA THR A 143 -3.65 16.50 23.10
C THR A 143 -5.02 17.03 22.68
N GLU A 144 -5.10 18.36 22.59
CA GLU A 144 -6.17 19.09 21.89
C GLU A 144 -6.33 18.58 20.44
N SER A 145 -5.20 18.47 19.71
CA SER A 145 -5.15 17.89 18.36
C SER A 145 -4.74 16.41 18.39
N TRP A 146 -3.45 16.12 18.13
CA TRP A 146 -2.96 14.74 17.99
C TRP A 146 -2.78 14.04 19.36
N PRO A 147 -2.18 12.83 19.38
CA PRO A 147 -1.61 12.31 20.63
C PRO A 147 -0.12 12.62 20.70
N GLN A 148 0.42 12.83 21.90
CA GLN A 148 1.87 13.10 22.06
C GLN A 148 2.60 11.84 22.48
N GLY A 149 3.59 11.42 21.69
CA GLY A 149 4.39 10.24 22.00
C GLY A 149 5.32 10.41 23.21
N LEU A 150 5.25 9.44 24.12
CA LEU A 150 5.99 9.49 25.38
C LEU A 150 7.23 8.60 25.42
N VAL A 151 7.38 7.68 24.47
CA VAL A 151 8.64 6.94 24.32
C VAL A 151 9.66 7.89 23.65
N GLU A 152 10.77 8.13 24.33
CA GLU A 152 11.83 9.04 23.88
C GLU A 152 13.14 8.32 23.81
N GLY A 153 14.04 8.85 22.99
CA GLY A 153 15.35 8.23 22.77
C GLY A 153 15.34 6.88 22.04
N VAL A 154 14.23 6.58 21.32
CA VAL A 154 14.02 5.26 20.71
C VAL A 154 13.88 5.30 19.18
N ARG A 155 14.79 4.61 18.51
CA ARG A 155 14.71 4.38 17.06
C ARG A 155 14.27 2.94 16.85
N ALA A 156 13.79 2.62 15.66
CA ALA A 156 13.40 1.25 15.34
C ALA A 156 14.06 0.74 14.06
N VAL A 157 14.21 -0.58 14.00
CA VAL A 157 14.62 -1.28 12.78
C VAL A 157 13.74 -2.48 12.60
N VAL A 158 12.86 -2.45 11.61
CA VAL A 158 11.90 -3.55 11.44
C VAL A 158 12.36 -4.50 10.36
N VAL A 159 12.48 -5.78 10.69
CA VAL A 159 12.94 -6.77 9.72
C VAL A 159 11.71 -7.46 9.20
N SER A 160 11.45 -7.35 7.90
CA SER A 160 10.22 -7.88 7.34
C SER A 160 10.42 -8.72 6.07
N SER A 161 9.97 -9.99 6.10
CA SER A 161 9.99 -10.85 4.90
C SER A 161 8.62 -11.22 4.37
N ARG A 162 8.60 -11.51 3.07
CA ARG A 162 7.39 -11.71 2.27
C ARG A 162 7.71 -12.68 1.16
N GLY A 163 6.82 -13.62 0.89
CA GLY A 163 6.96 -14.53 -0.25
C GLY A 163 6.59 -13.92 -1.61
N GLY A 164 5.82 -12.83 -1.59
CA GLY A 164 5.52 -12.07 -2.80
C GLY A 164 4.22 -12.44 -3.50
N ILE A 165 4.30 -12.39 -4.82
CA ILE A 165 3.17 -12.59 -5.72
C ILE A 165 2.58 -13.99 -5.60
N HIS A 166 3.43 -14.98 -5.33
CA HIS A 166 2.96 -16.35 -5.14
C HIS A 166 2.02 -16.50 -3.91
N GLN A 167 2.21 -15.65 -2.89
CA GLN A 167 1.36 -15.63 -1.66
C GLN A 167 0.27 -14.54 -1.65
N GLY A 168 -0.02 -13.97 -2.82
CA GLY A 168 -0.89 -12.81 -2.96
C GLY A 168 -0.45 -11.50 -2.28
N GLU A 169 0.81 -11.10 -2.39
CA GLU A 169 1.22 -9.77 -1.89
C GLU A 169 0.80 -8.66 -2.86
N THR A 170 -0.48 -8.27 -2.83
CA THR A 170 -1.02 -7.21 -3.70
C THR A 170 -0.86 -5.81 -3.12
N THR A 171 -0.52 -5.70 -1.83
CA THR A 171 -0.04 -4.44 -1.21
C THR A 171 0.84 -4.76 -0.02
N ASP A 172 1.51 -3.72 0.45
CA ASP A 172 2.26 -3.70 1.67
C ASP A 172 1.52 -2.82 2.63
N ALA A 173 0.55 -3.41 3.34
CA ALA A 173 -0.08 -2.73 4.47
C ALA A 173 0.72 -2.86 5.77
N VAL A 174 1.58 -3.87 5.86
CA VAL A 174 2.41 -4.12 7.04
C VAL A 174 3.28 -2.89 7.41
N THR A 175 3.96 -2.36 6.41
CA THR A 175 4.90 -1.27 6.58
C THR A 175 4.24 0.01 7.15
N PRO A 176 3.27 0.60 6.41
CA PRO A 176 2.64 1.83 6.93
C PRO A 176 1.91 1.63 8.25
N TYR A 177 1.33 0.46 8.48
CA TYR A 177 0.80 0.12 9.81
C TYR A 177 1.87 0.31 10.91
N LEU A 178 3.04 -0.32 10.70
CA LEU A 178 4.09 -0.27 11.72
C LEU A 178 4.62 1.14 11.87
N ARG A 179 4.75 1.89 10.78
CA ARG A 179 5.24 3.27 10.85
C ARG A 179 4.35 4.10 11.72
N ALA A 180 3.03 3.89 11.56
CA ALA A 180 1.99 4.67 12.22
C ALA A 180 1.80 4.29 13.71
N VAL A 181 1.78 2.99 14.00
CA VAL A 181 1.64 2.50 15.38
C VAL A 181 2.89 2.79 16.23
N LEU A 182 4.07 2.77 15.62
CA LEU A 182 5.30 3.24 16.31
C LEU A 182 5.36 4.76 16.49
N GLY A 183 4.95 5.50 15.46
CA GLY A 183 4.88 6.94 15.52
C GLY A 183 3.91 7.46 16.57
N LEU A 184 2.84 6.72 16.83
CA LEU A 184 1.84 7.09 17.86
C LEU A 184 2.51 7.33 19.21
N MET A 185 3.44 6.42 19.53
CA MET A 185 4.13 6.44 20.83
C MET A 185 5.47 7.20 20.83
N GLY A 186 5.74 7.89 19.72
CA GLY A 186 6.87 8.80 19.61
C GLY A 186 8.05 8.22 18.87
N ILE A 187 7.93 6.97 18.42
CA ILE A 187 9.00 6.33 17.65
C ILE A 187 8.86 6.80 16.17
N GLN A 188 9.51 7.93 15.90
CA GLN A 188 9.36 8.68 14.66
C GLN A 188 10.34 8.16 13.60
N GLU A 189 11.54 7.77 14.03
CA GLU A 189 12.55 7.25 13.13
C GLU A 189 12.44 5.72 13.10
N VAL A 190 12.07 5.17 11.94
CA VAL A 190 11.98 3.72 11.75
C VAL A 190 12.59 3.33 10.41
N GLU A 191 13.50 2.35 10.42
CA GLU A 191 14.12 1.84 9.20
C GLU A 191 13.59 0.42 8.97
N PHE A 192 13.56 0.02 7.71
CA PHE A 192 13.07 -1.29 7.35
C PHE A 192 14.14 -2.11 6.71
N ILE A 193 14.07 -3.40 6.95
CA ILE A 193 14.91 -4.38 6.28
C ILE A 193 13.97 -5.35 5.60
N TYR A 194 13.91 -5.27 4.27
CA TYR A 194 13.01 -6.12 3.48
C TYR A 194 13.73 -7.31 2.89
N ALA A 195 13.08 -8.46 2.95
CA ALA A 195 13.42 -9.59 2.12
C ALA A 195 12.17 -9.82 1.35
N GLU A 196 12.18 -9.40 0.09
CA GLU A 196 10.99 -9.43 -0.75
C GLU A 196 11.09 -10.55 -1.77
N GLY A 197 9.93 -11.04 -2.21
CA GLY A 197 9.81 -12.01 -3.30
C GLY A 197 10.53 -13.31 -3.08
N LEU A 198 10.36 -13.88 -1.90
CA LEU A 198 11.12 -15.07 -1.47
C LEU A 198 10.56 -16.39 -1.98
N ASP A 199 9.38 -16.37 -2.59
CA ASP A 199 8.83 -17.58 -3.21
C ASP A 199 9.01 -17.57 -4.74
N ASN A 200 9.56 -16.49 -5.30
CA ASN A 200 9.79 -16.44 -6.75
C ASN A 200 10.81 -17.49 -7.17
N ARG A 201 10.41 -18.47 -7.96
CA ARG A 201 11.31 -19.53 -8.44
C ARG A 201 12.16 -19.00 -9.62
N PRO A 202 13.47 -19.30 -9.74
CA PRO A 202 14.26 -20.08 -8.78
C PRO A 202 15.20 -19.28 -7.83
N HIS A 203 15.43 -17.98 -8.09
CA HIS A 203 16.44 -17.18 -7.34
C HIS A 203 15.84 -16.16 -6.36
N GLY A 204 14.62 -16.38 -5.91
CA GLY A 204 13.89 -15.36 -5.16
C GLY A 204 14.43 -15.20 -3.75
N ARG A 205 14.48 -16.33 -3.05
CA ARG A 205 14.93 -16.35 -1.65
C ARG A 205 16.32 -15.72 -1.56
N ASP A 206 17.26 -16.29 -2.32
CA ASP A 206 18.66 -15.82 -2.39
C ASP A 206 18.74 -14.31 -2.56
N ALA A 207 18.01 -13.82 -3.56
CA ALA A 207 18.11 -12.42 -3.91
C ALA A 207 17.53 -11.57 -2.82
N GLY A 208 16.39 -12.01 -2.28
CA GLY A 208 15.79 -11.37 -1.13
C GLY A 208 16.79 -11.30 0.01
N ILE A 209 17.39 -12.44 0.31
CA ILE A 209 18.35 -12.53 1.42
C ILE A 209 19.61 -11.67 1.17
N ALA A 210 20.06 -11.60 -0.08
CA ALA A 210 21.21 -10.77 -0.42
C ALA A 210 20.87 -9.29 -0.26
N SER A 211 19.68 -8.92 -0.73
CA SER A 211 19.15 -7.58 -0.59
C SER A 211 19.02 -7.17 0.88
N ALA A 212 18.51 -8.08 1.70
CA ALA A 212 18.41 -7.80 3.12
C ALA A 212 19.80 -7.66 3.74
N ARG A 213 20.73 -8.54 3.37
CA ARG A 213 22.09 -8.46 3.95
C ARG A 213 22.79 -7.16 3.62
N ALA A 214 22.51 -6.65 2.41
CA ALA A 214 23.00 -5.35 1.98
C ALA A 214 22.33 -4.20 2.74
N GLN A 215 21.04 -4.35 3.02
CA GLN A 215 20.35 -3.41 3.92
C GLN A 215 20.94 -3.49 5.33
N ILE A 216 21.12 -4.72 5.81
CA ILE A 216 21.77 -4.95 7.10
C ILE A 216 23.12 -4.25 7.20
N ALA A 217 24.00 -4.51 6.24
CA ALA A 217 25.37 -3.93 6.22
C ALA A 217 25.42 -2.41 6.24
N ARG A 218 24.57 -1.77 5.42
CA ARG A 218 24.40 -0.32 5.47
C ARG A 218 23.81 0.08 6.84
N LEU A 219 22.82 -0.69 7.31
CA LEU A 219 22.08 -0.32 8.53
C LEU A 219 22.77 -0.67 9.85
N ALA A 220 23.78 -1.52 9.83
CA ALA A 220 24.46 -1.88 11.09
C ALA A 220 25.37 -0.76 11.57
N VAL A 221 25.72 0.15 10.67
CA VAL A 221 26.72 1.16 10.90
C VAL A 221 26.30 2.27 11.86
N PRO A 222 25.10 2.84 11.71
CA PRO A 222 24.85 4.13 12.37
C PRO A 222 25.03 4.27 13.90
N ALA A 223 24.89 3.20 14.68
CA ALA A 223 25.05 3.26 16.18
C ALA A 223 23.77 3.52 17.01
N ALA B 24 25.59 23.17 3.10
CA ALA B 24 25.16 21.96 2.34
C ALA B 24 24.27 22.31 1.13
N ASN B 25 24.32 21.47 0.09
CA ASN B 25 23.62 21.69 -1.20
C ASN B 25 22.26 20.96 -1.32
N VAL B 26 21.23 21.71 -1.71
CA VAL B 26 19.84 21.22 -1.69
C VAL B 26 19.22 21.27 -3.09
N LEU B 27 19.07 20.11 -3.72
CA LEU B 27 18.31 20.02 -4.98
C LEU B 27 16.82 19.93 -4.67
N VAL B 28 16.02 20.82 -5.25
CA VAL B 28 14.60 20.95 -4.94
C VAL B 28 13.81 20.74 -6.20
N LEU B 29 12.88 19.78 -6.16
CA LEU B 29 12.05 19.45 -7.30
C LEU B 29 10.62 19.69 -6.86
N LYS B 30 9.96 20.66 -7.47
CA LYS B 30 8.56 20.94 -7.21
C LYS B 30 7.79 20.42 -8.42
N SER B 31 6.63 19.80 -8.17
CA SER B 31 5.86 19.17 -9.27
C SER B 31 4.36 19.42 -9.24
N SER B 32 3.88 20.32 -8.39
CA SER B 32 2.45 20.61 -8.30
C SER B 32 2.00 21.35 -9.55
N ILE B 33 0.73 21.20 -9.89
CA ILE B 33 0.11 22.00 -10.93
C ILE B 33 -0.73 23.14 -10.35
N ASN B 34 -0.87 23.19 -9.02
CA ASN B 34 -1.62 24.28 -8.40
C ASN B 34 -0.86 25.63 -8.31
N GLY B 35 0.44 25.63 -8.59
CA GLY B 35 1.23 26.88 -8.64
C GLY B 35 1.32 27.66 -7.32
N GLU B 36 0.83 28.90 -7.33
CA GLU B 36 0.82 29.72 -6.11
C GLU B 36 -0.03 29.11 -4.97
N THR B 37 -1.09 28.38 -5.29
CA THR B 37 -1.94 27.72 -4.27
C THR B 37 -1.27 26.47 -3.63
N SER B 38 -0.19 25.97 -4.23
CA SER B 38 0.36 24.65 -3.90
C SER B 38 0.82 24.43 -2.47
N LEU B 39 0.25 23.40 -1.85
CA LEU B 39 0.59 23.01 -0.49
C LEU B 39 1.96 22.37 -0.40
N THR B 40 2.26 21.41 -1.28
CA THR B 40 3.58 20.78 -1.30
C THR B 40 4.68 21.81 -1.47
N ASN B 41 4.43 22.81 -2.30
CA ASN B 41 5.41 23.87 -2.56
C ASN B 41 5.55 24.85 -1.36
N GLN B 42 4.42 25.25 -0.74
CA GLN B 42 4.42 25.99 0.56
C GLN B 42 5.30 25.30 1.59
N LEU B 43 5.01 24.00 1.78
CA LEU B 43 5.62 23.22 2.83
C LEU B 43 7.07 22.97 2.54
N ILE B 44 7.42 22.83 1.27
CA ILE B 44 8.82 22.79 0.90
C ILE B 44 9.48 24.11 1.29
N ASN B 45 8.82 25.23 0.98
CA ASN B 45 9.33 26.56 1.40
C ASN B 45 9.46 26.62 2.92
N GLU B 46 8.33 26.43 3.62
CA GLU B 46 8.32 26.33 5.08
C GLU B 46 9.43 25.44 5.63
N PHE B 47 9.73 24.34 4.94
CA PHE B 47 10.79 23.40 5.36
C PHE B 47 12.18 23.97 5.19
N LEU B 48 12.38 24.68 4.08
CA LEU B 48 13.67 25.34 3.79
C LEU B 48 13.89 26.57 4.67
N ALA B 49 12.79 27.26 4.98
CA ALA B 49 12.77 28.33 6.00
C ALA B 49 13.14 27.79 7.36
N ALA B 50 12.38 26.82 7.86
CA ALA B 50 12.66 26.21 9.17
C ALA B 50 14.03 25.52 9.26
N ARG B 51 14.62 25.17 8.12
CA ARG B 51 16.02 24.73 8.05
C ARG B 51 17.03 25.84 8.33
N GLN B 52 16.76 27.01 7.78
CA GLN B 52 17.53 28.23 8.08
C GLN B 52 17.44 28.58 9.58
N ALA B 53 16.21 28.60 10.09
CA ALA B 53 15.93 28.83 11.51
C ALA B 53 16.63 27.86 12.48
N ALA B 54 17.04 26.68 12.00
CA ALA B 54 17.89 25.74 12.75
C ALA B 54 19.39 26.00 12.59
N GLY B 55 19.74 27.08 11.88
CA GLY B 55 21.13 27.47 11.68
C GLY B 55 21.84 26.80 10.51
N HIS B 56 21.09 26.13 9.63
CA HIS B 56 21.69 25.47 8.47
C HIS B 56 21.89 26.45 7.31
N GLY B 57 23.08 26.39 6.69
CA GLY B 57 23.40 27.19 5.50
C GLY B 57 23.17 26.39 4.22
N ASP B 58 22.21 26.84 3.40
CA ASP B 58 21.75 26.10 2.22
C ASP B 58 21.95 26.85 0.91
N ARG B 59 22.63 26.21 -0.03
CA ARG B 59 22.76 26.71 -1.40
C ARG B 59 21.88 25.85 -2.32
N LEU B 60 20.74 26.42 -2.72
CA LEU B 60 19.62 25.65 -3.34
C LEU B 60 19.41 25.89 -4.84
N ILE B 61 19.32 24.79 -5.60
CA ILE B 61 18.95 24.78 -7.02
C ILE B 61 17.51 24.29 -7.09
N GLU B 62 16.58 25.15 -7.52
CA GLU B 62 15.16 24.78 -7.56
C GLU B 62 14.52 24.78 -8.97
N HIS B 63 13.94 23.62 -9.31
CA HIS B 63 13.15 23.40 -10.51
C HIS B 63 11.67 23.33 -10.19
N ASP B 64 10.85 24.09 -10.90
CA ASP B 64 9.42 23.77 -11.01
C ASP B 64 9.20 22.92 -12.25
N LEU B 65 9.12 21.61 -12.07
CA LEU B 65 8.97 20.67 -13.18
C LEU B 65 7.63 20.86 -13.93
N SER B 66 6.68 21.55 -13.31
CA SER B 66 5.44 21.97 -13.95
C SER B 66 5.65 22.97 -15.10
N ALA B 67 6.43 24.01 -14.83
CA ALA B 67 6.72 25.08 -15.80
C ALA B 67 8.02 24.82 -16.58
N MET B 68 8.62 23.64 -16.40
CA MET B 68 9.77 23.23 -17.20
C MET B 68 9.39 22.37 -18.39
N ALA B 69 8.13 21.97 -18.48
CA ALA B 69 7.60 21.26 -19.65
C ALA B 69 8.56 20.18 -20.20
N LEU B 70 8.90 19.18 -19.38
CA LEU B 70 9.93 18.18 -19.76
C LEU B 70 9.37 17.17 -20.75
N PRO B 71 10.26 16.36 -21.36
CA PRO B 71 9.79 15.38 -22.32
C PRO B 71 9.47 13.99 -21.76
N THR B 72 8.43 13.39 -22.33
CA THR B 72 8.10 11.99 -22.10
C THR B 72 9.23 11.12 -22.64
N LEU B 73 9.50 10.02 -21.95
CA LEU B 73 10.43 9.00 -22.41
C LEU B 73 9.77 8.21 -23.55
N ASP B 74 10.47 8.14 -24.69
CA ASP B 74 10.00 7.42 -25.86
C ASP B 74 11.07 6.43 -26.29
N ARG B 75 10.75 5.63 -27.30
CA ARG B 75 11.70 4.64 -27.83
C ARG B 75 13.11 5.18 -28.18
N PRO B 76 13.19 6.23 -29.02
CA PRO B 76 14.53 6.73 -29.39
C PRO B 76 15.25 7.50 -28.26
N LEU B 77 14.52 8.26 -27.44
CA LEU B 77 15.16 8.93 -26.29
C LEU B 77 15.72 7.91 -25.33
N PHE B 78 14.97 6.83 -25.05
CA PHE B 78 15.50 5.73 -24.23
C PHE B 78 16.72 5.07 -24.87
N ALA B 79 16.66 4.90 -26.20
CA ALA B 79 17.81 4.37 -26.95
C ALA B 79 19.08 5.20 -26.77
N ALA B 80 18.91 6.53 -26.91
CA ALA B 80 19.99 7.51 -26.78
C ALA B 80 20.59 7.55 -25.38
N LEU B 81 19.72 7.54 -24.37
CA LEU B 81 20.10 7.52 -22.96
C LEU B 81 20.92 6.28 -22.56
N ARG B 82 20.74 5.18 -23.29
CA ARG B 82 21.67 4.04 -23.20
C ARG B 82 23.11 4.50 -23.48
N GLY B 83 23.25 5.36 -24.50
CA GLY B 83 24.54 5.93 -24.93
C GLY B 83 24.87 5.70 -26.40
N ALA B 84 23.82 5.60 -27.23
CA ALA B 84 23.97 5.40 -28.66
C ALA B 84 24.09 6.76 -29.30
N VAL B 85 24.77 6.81 -30.44
CA VAL B 85 24.87 8.04 -31.21
C VAL B 85 23.49 8.29 -31.81
N ASP B 86 22.91 9.46 -31.52
CA ASP B 86 21.71 9.88 -32.20
C ASP B 86 21.98 11.28 -32.72
N PRO B 87 22.04 11.44 -34.06
CA PRO B 87 22.24 12.79 -34.56
C PRO B 87 21.03 13.70 -34.33
N GLN B 88 19.82 13.16 -34.49
CA GLN B 88 18.60 13.95 -34.48
C GLN B 88 18.58 14.98 -33.36
N PRO B 89 17.99 16.16 -33.62
CA PRO B 89 18.29 17.35 -32.82
C PRO B 89 17.73 17.35 -31.38
N ALA B 90 16.42 17.53 -31.23
CA ALA B 90 15.76 17.78 -29.92
C ALA B 90 15.82 16.60 -28.95
N ILE B 91 16.13 15.41 -29.46
CA ILE B 91 16.56 14.28 -28.63
C ILE B 91 17.84 14.64 -27.87
N ARG B 92 18.85 15.16 -28.58
CA ARG B 92 20.13 15.60 -27.98
C ARG B 92 19.94 16.75 -26.99
N GLU B 93 18.95 17.61 -27.21
CA GLU B 93 18.55 18.64 -26.23
C GLU B 93 17.94 18.05 -24.95
N ALA B 94 17.16 16.99 -25.11
CA ALA B 94 16.61 16.22 -23.98
C ALA B 94 17.68 15.36 -23.29
N VAL B 95 18.62 14.78 -24.06
CA VAL B 95 19.77 14.10 -23.46
C VAL B 95 20.63 15.09 -22.68
N ALA B 96 20.90 16.25 -23.28
CA ALA B 96 21.60 17.34 -22.60
C ALA B 96 20.96 17.64 -21.24
N LEU B 97 19.63 17.72 -21.24
CA LEU B 97 18.82 18.00 -20.03
C LEU B 97 18.89 16.88 -18.98
N SER B 98 18.93 15.63 -19.43
CA SER B 98 19.15 14.49 -18.53
C SER B 98 20.49 14.68 -17.84
N ASP B 99 21.55 14.70 -18.64
CA ASP B 99 22.92 14.91 -18.17
C ASP B 99 23.00 16.01 -17.10
N GLN B 100 22.37 17.14 -17.43
CA GLN B 100 22.32 18.33 -16.58
C GLN B 100 21.54 18.12 -15.28
N LEU B 101 20.39 17.45 -15.37
CA LEU B 101 19.55 17.15 -14.21
C LEU B 101 20.15 16.07 -13.32
N ILE B 102 20.91 15.14 -13.91
CA ILE B 102 21.67 14.15 -13.14
C ILE B 102 22.82 14.86 -12.44
N ALA B 103 23.60 15.59 -13.22
CA ALA B 103 24.72 16.42 -12.70
C ALA B 103 24.31 17.24 -11.47
N GLU B 104 23.10 17.78 -11.53
CA GLU B 104 22.54 18.51 -10.39
C GLU B 104 22.30 17.59 -9.20
N LEU B 105 21.78 16.40 -9.47
CA LEU B 105 21.56 15.41 -8.43
C LEU B 105 22.83 15.13 -7.66
N LYS B 106 23.83 14.58 -8.37
CA LYS B 106 25.11 14.13 -7.80
C LYS B 106 25.86 15.24 -7.04
N ALA B 107 25.82 16.46 -7.60
CA ALA B 107 26.35 17.64 -6.93
C ALA B 107 25.70 17.92 -5.56
N SER B 108 24.43 17.58 -5.41
CA SER B 108 23.66 17.89 -4.20
C SER B 108 23.92 16.95 -3.02
N ASP B 109 23.53 17.43 -1.84
CA ASP B 109 23.60 16.67 -0.58
C ASP B 109 22.23 16.14 -0.10
N LEU B 110 21.17 16.88 -0.43
CA LEU B 110 19.85 16.64 0.14
C LEU B 110 18.73 16.94 -0.85
N LEU B 111 18.01 15.89 -1.25
CA LEU B 111 17.02 15.97 -2.32
C LEU B 111 15.63 16.20 -1.76
N VAL B 112 15.13 17.43 -1.84
CA VAL B 112 13.72 17.69 -1.47
C VAL B 112 12.83 17.47 -2.70
N ILE B 113 11.62 16.96 -2.47
CA ILE B 113 10.69 16.64 -3.56
C ILE B 113 9.25 16.94 -3.17
N GLY B 114 8.56 17.69 -4.03
CA GLY B 114 7.11 17.85 -3.98
C GLY B 114 6.50 16.70 -4.74
N ALA B 115 5.57 15.99 -4.08
CA ALA B 115 4.92 14.76 -4.60
C ALA B 115 3.56 14.61 -3.96
N PRO B 116 2.60 15.45 -4.36
CA PRO B 116 1.22 15.20 -3.94
C PRO B 116 0.64 13.99 -4.67
N MET B 117 -0.41 13.42 -4.13
CA MET B 117 -0.98 12.27 -4.78
C MET B 117 -1.97 12.76 -5.82
N TYR B 118 -1.64 12.50 -7.08
CA TYR B 118 -2.53 12.77 -8.20
C TYR B 118 -3.00 11.46 -8.81
N ASN B 119 -4.28 11.14 -8.63
CA ASN B 119 -4.89 9.91 -9.17
C ASN B 119 -4.03 8.69 -8.81
N LEU B 120 -3.70 8.66 -7.51
CA LEU B 120 -3.02 7.55 -6.82
C LEU B 120 -1.55 7.34 -7.21
N ASN B 121 -0.99 8.26 -7.98
CA ASN B 121 0.40 8.26 -8.36
C ASN B 121 0.97 9.64 -8.04
N VAL B 122 2.22 9.84 -8.44
CA VAL B 122 2.83 11.17 -8.41
C VAL B 122 2.27 12.02 -9.53
N PRO B 123 2.52 13.35 -9.50
CA PRO B 123 2.24 14.17 -10.67
C PRO B 123 3.20 13.78 -11.77
N THR B 124 2.70 13.73 -12.99
CA THR B 124 3.47 13.19 -14.12
C THR B 124 4.81 13.86 -14.35
N ASP B 125 4.93 15.15 -14.02
CA ASP B 125 6.20 15.88 -14.17
C ASP B 125 7.34 15.34 -13.31
N LEU B 126 7.03 14.98 -12.09
CA LEU B 126 8.01 14.35 -11.21
C LEU B 126 8.47 13.02 -11.78
N LYS B 127 7.54 12.25 -12.32
CA LYS B 127 7.84 10.97 -12.96
C LYS B 127 8.68 11.15 -14.22
N LYS B 128 8.33 12.15 -15.03
CA LYS B 128 9.17 12.50 -16.20
C LYS B 128 10.61 12.78 -15.75
N TRP B 129 10.77 13.52 -14.64
CA TRP B 129 12.09 13.74 -14.03
C TRP B 129 12.78 12.41 -13.78
N PHE B 130 12.10 11.52 -13.08
CA PHE B 130 12.64 10.20 -12.77
C PHE B 130 12.89 9.31 -13.97
N ASP B 131 12.17 9.53 -15.08
CA ASP B 131 12.49 8.80 -16.32
C ASP B 131 13.85 9.23 -16.93
N LEU B 132 14.10 10.54 -16.92
CA LEU B 132 15.35 11.11 -17.46
C LEU B 132 16.56 10.79 -16.59
N VAL B 133 16.34 10.67 -15.28
CA VAL B 133 17.41 10.60 -14.30
C VAL B 133 17.80 9.17 -13.93
N ALA B 134 16.84 8.25 -13.92
CA ALA B 134 17.12 6.84 -13.63
C ALA B 134 17.83 6.15 -14.82
N ARG B 135 19.13 6.40 -14.92
CA ARG B 135 19.92 5.95 -16.08
C ARG B 135 20.96 4.93 -15.70
N ALA B 136 21.14 3.94 -16.56
CA ALA B 136 22.17 2.91 -16.35
C ALA B 136 23.52 3.51 -16.64
N ARG B 137 24.54 2.97 -15.98
CA ARG B 137 25.93 3.41 -16.11
C ARG B 137 26.16 4.90 -15.69
N GLU B 138 25.17 5.55 -15.10
CA GLU B 138 25.23 6.99 -14.71
C GLU B 138 24.74 7.16 -13.27
N THR B 139 23.45 6.93 -13.06
CA THR B 139 22.83 6.96 -11.74
C THR B 139 22.73 5.57 -11.12
N PHE B 140 23.00 4.51 -11.89
CA PHE B 140 23.17 3.15 -11.35
C PHE B 140 23.95 2.28 -12.34
N ARG B 141 24.33 1.06 -11.95
CA ARG B 141 25.07 0.15 -12.83
C ARG B 141 24.67 -1.30 -12.64
N TYR B 142 24.61 -2.03 -13.75
CA TYR B 142 24.19 -3.42 -13.73
C TYR B 142 25.24 -4.35 -13.12
N THR B 143 24.77 -5.32 -12.35
CA THR B 143 25.61 -6.30 -11.67
C THR B 143 25.07 -7.67 -12.07
N GLU B 144 25.77 -8.74 -11.66
CA GLU B 144 25.27 -10.12 -11.76
C GLU B 144 24.00 -10.36 -10.91
N SER B 145 23.82 -9.58 -9.84
CA SER B 145 22.56 -9.57 -9.10
C SER B 145 22.03 -8.13 -9.03
N TRP B 146 22.03 -7.49 -7.86
CA TRP B 146 21.32 -6.21 -7.67
C TRP B 146 22.09 -5.01 -8.26
N PRO B 147 21.39 -4.13 -9.02
CA PRO B 147 22.07 -2.96 -9.56
C PRO B 147 22.49 -2.00 -8.45
N GLN B 148 23.70 -1.46 -8.57
CA GLN B 148 24.30 -0.69 -7.49
C GLN B 148 24.21 0.79 -7.80
N GLY B 149 23.64 1.54 -6.87
CA GLY B 149 23.41 2.97 -7.02
C GLY B 149 24.68 3.79 -7.00
N LEU B 150 24.76 4.73 -7.94
CA LEU B 150 25.95 5.56 -8.17
C LEU B 150 25.78 6.99 -7.68
N VAL B 151 24.65 7.30 -7.04
CA VAL B 151 24.46 8.59 -6.35
C VAL B 151 24.72 8.34 -4.86
N GLU B 152 25.81 8.91 -4.35
CA GLU B 152 26.28 8.68 -2.98
C GLU B 152 26.34 10.00 -2.22
N GLY B 153 26.33 9.91 -0.89
CA GLY B 153 26.27 11.08 -0.02
C GLY B 153 25.02 11.92 -0.23
N VAL B 154 23.90 11.24 -0.51
CA VAL B 154 22.61 11.88 -0.80
C VAL B 154 21.48 11.28 0.07
N ARG B 155 20.75 12.19 0.71
CA ARG B 155 19.51 11.90 1.41
C ARG B 155 18.37 12.41 0.55
N ALA B 156 17.15 12.14 1.01
CA ALA B 156 15.94 12.72 0.44
C ALA B 156 14.98 13.19 1.53
N VAL B 157 14.12 14.14 1.17
CA VAL B 157 12.93 14.47 1.97
C VAL B 157 11.78 14.72 1.00
N VAL B 158 10.79 13.82 1.02
CA VAL B 158 9.62 13.91 0.14
C VAL B 158 8.49 14.62 0.88
N VAL B 159 7.98 15.70 0.28
CA VAL B 159 6.79 16.37 0.77
C VAL B 159 5.61 15.82 -0.03
N SER B 160 4.55 15.38 0.64
CA SER B 160 3.45 14.67 -0.04
C SER B 160 2.09 14.86 0.61
N SER B 161 1.26 15.72 0.02
CA SER B 161 -0.12 15.94 0.50
C SER B 161 -1.14 15.10 -0.27
N ARG B 162 -2.24 14.79 0.40
CA ARG B 162 -3.32 13.98 -0.14
C ARG B 162 -4.64 14.40 0.49
N GLY B 163 -5.72 14.42 -0.29
CA GLY B 163 -7.07 14.62 0.23
C GLY B 163 -7.60 13.47 1.09
N GLY B 164 -7.23 12.26 0.73
CA GLY B 164 -7.59 11.08 1.49
C GLY B 164 -8.80 10.39 0.88
N ILE B 165 -9.74 10.04 1.75
CA ILE B 165 -10.87 9.20 1.41
C ILE B 165 -11.82 9.87 0.42
N HIS B 166 -11.99 11.18 0.55
CA HIS B 166 -12.84 12.00 -0.34
C HIS B 166 -12.37 11.86 -1.81
N GLN B 167 -11.05 11.80 -2.02
CA GLN B 167 -10.43 11.69 -3.36
C GLN B 167 -10.01 10.27 -3.77
N GLY B 168 -10.63 9.24 -3.17
CA GLY B 168 -10.39 7.84 -3.55
C GLY B 168 -9.14 7.14 -3.02
N GLU B 169 -8.46 7.75 -2.04
CA GLU B 169 -7.19 7.23 -1.53
C GLU B 169 -7.37 5.94 -0.74
N THR B 170 -7.38 4.82 -1.46
CA THR B 170 -7.48 3.48 -0.88
C THR B 170 -6.11 2.88 -0.48
N THR B 171 -5.02 3.20 -1.22
CA THR B 171 -3.62 2.80 -0.87
C THR B 171 -2.67 3.98 -1.10
N ASP B 172 -1.49 3.85 -0.52
CA ASP B 172 -0.41 4.76 -0.80
C ASP B 172 0.61 3.98 -1.60
N ALA B 173 0.51 4.05 -2.93
CA ALA B 173 1.55 3.56 -3.82
C ALA B 173 2.61 4.61 -4.10
N VAL B 174 2.31 5.89 -3.81
CA VAL B 174 3.27 6.99 -4.05
C VAL B 174 4.55 6.76 -3.28
N THR B 175 4.38 6.45 -2.00
CA THR B 175 5.49 6.26 -1.05
C THR B 175 6.41 5.12 -1.44
N PRO B 176 5.91 3.87 -1.55
CA PRO B 176 6.79 2.74 -1.98
C PRO B 176 7.43 2.91 -3.36
N TYR B 177 6.65 3.38 -4.32
CA TYR B 177 7.22 3.80 -5.60
C TYR B 177 8.43 4.71 -5.41
N LEU B 178 8.24 5.83 -4.72
CA LEU B 178 9.30 6.80 -4.56
C LEU B 178 10.47 6.22 -3.81
N ARG B 179 10.22 5.54 -2.69
CA ARG B 179 11.31 4.83 -1.97
C ARG B 179 12.15 4.01 -2.87
N ALA B 180 11.50 3.26 -3.77
CA ALA B 180 12.19 2.28 -4.62
C ALA B 180 12.96 2.91 -5.79
N VAL B 181 12.40 3.94 -6.41
CA VAL B 181 13.07 4.61 -7.54
C VAL B 181 14.30 5.40 -7.07
N LEU B 182 14.23 5.99 -5.89
CA LEU B 182 15.39 6.66 -5.26
C LEU B 182 16.42 5.62 -4.79
N GLY B 183 15.92 4.54 -4.19
CA GLY B 183 16.76 3.40 -3.80
C GLY B 183 17.54 2.81 -4.96
N LEU B 184 16.92 2.75 -6.12
CA LEU B 184 17.56 2.22 -7.33
C LEU B 184 18.87 2.92 -7.58
N MET B 185 18.82 4.25 -7.47
CA MET B 185 20.01 5.05 -7.73
C MET B 185 20.79 5.35 -6.44
N GLY B 186 20.65 4.49 -5.44
CA GLY B 186 21.50 4.52 -4.25
C GLY B 186 21.08 5.43 -3.10
N ILE B 187 20.00 6.21 -3.29
CA ILE B 187 19.49 7.11 -2.24
C ILE B 187 18.61 6.25 -1.32
N GLN B 188 19.19 5.83 -0.19
CA GLN B 188 18.52 4.91 0.77
C GLN B 188 17.94 5.61 1.98
N GLU B 189 18.53 6.71 2.40
CA GLU B 189 17.97 7.50 3.48
C GLU B 189 16.91 8.46 2.89
N VAL B 190 15.62 8.13 3.09
CA VAL B 190 14.48 8.93 2.62
C VAL B 190 13.58 9.14 3.79
N GLU B 191 13.14 10.39 3.98
CA GLU B 191 12.16 10.77 5.00
C GLU B 191 10.94 11.31 4.28
N PHE B 192 9.75 11.21 4.88
CA PHE B 192 8.53 11.74 4.24
C PHE B 192 7.83 12.79 5.08
N ILE B 193 7.26 13.80 4.41
CA ILE B 193 6.37 14.76 5.05
C ILE B 193 4.99 14.53 4.44
N TYR B 194 4.03 14.16 5.30
CA TYR B 194 2.64 13.90 4.94
C TYR B 194 1.69 14.93 5.51
N ALA B 195 0.83 15.44 4.64
CA ALA B 195 -0.36 16.17 5.04
C ALA B 195 -1.55 15.35 4.54
N GLU B 196 -1.94 14.35 5.34
CA GLU B 196 -3.03 13.42 4.99
C GLU B 196 -4.41 14.00 5.32
N GLY B 197 -5.44 13.38 4.75
CA GLY B 197 -6.85 13.71 5.00
C GLY B 197 -7.28 15.17 4.85
N LEU B 198 -6.66 15.89 3.91
CA LEU B 198 -6.88 17.35 3.74
C LEU B 198 -8.29 17.74 3.35
N ASP B 199 -8.99 16.82 2.68
CA ASP B 199 -10.40 17.00 2.30
C ASP B 199 -11.40 16.56 3.41
N ASN B 200 -10.94 16.06 4.56
CA ASN B 200 -11.86 15.71 5.65
C ASN B 200 -12.51 16.96 6.30
N ARG B 201 -13.80 17.17 6.04
CA ARG B 201 -14.50 18.38 6.50
C ARG B 201 -14.98 18.17 7.94
N PRO B 202 -14.83 19.17 8.83
CA PRO B 202 -14.31 20.53 8.62
C PRO B 202 -12.81 20.78 8.93
N HIS B 203 -12.18 19.96 9.78
CA HIS B 203 -10.83 20.29 10.32
C HIS B 203 -9.68 19.50 9.69
N GLY B 204 -9.85 19.02 8.46
CA GLY B 204 -8.86 18.16 7.82
C GLY B 204 -7.60 18.86 7.33
N ARG B 205 -7.80 19.99 6.64
CA ARG B 205 -6.68 20.78 6.12
C ARG B 205 -5.85 21.45 7.23
N ASP B 206 -6.48 21.89 8.33
CA ASP B 206 -5.77 22.48 9.48
C ASP B 206 -4.91 21.47 10.21
N ALA B 207 -5.47 20.29 10.46
CA ALA B 207 -4.80 19.24 11.21
C ALA B 207 -3.78 18.49 10.37
N GLY B 208 -4.13 18.24 9.11
CA GLY B 208 -3.16 17.73 8.13
C GLY B 208 -1.91 18.59 8.06
N ILE B 209 -2.11 19.90 7.93
CA ILE B 209 -1.00 20.88 7.85
C ILE B 209 -0.23 21.02 9.18
N ALA B 210 -0.95 21.01 10.31
CA ALA B 210 -0.29 21.01 11.62
C ALA B 210 0.67 19.80 11.80
N SER B 211 0.23 18.60 11.37
CA SER B 211 1.07 17.39 11.41
C SER B 211 2.33 17.56 10.64
N ALA B 212 2.19 18.06 9.42
CA ALA B 212 3.34 18.33 8.56
C ALA B 212 4.34 19.28 9.23
N ARG B 213 3.82 20.39 9.76
CA ARG B 213 4.62 21.41 10.48
C ARG B 213 5.38 20.84 11.68
N ALA B 214 4.71 19.99 12.45
CA ALA B 214 5.34 19.26 13.55
C ALA B 214 6.40 18.26 13.04
N GLN B 215 6.19 17.68 11.85
CA GLN B 215 7.19 16.85 11.15
C GLN B 215 8.36 17.67 10.59
N ILE B 216 8.07 18.89 10.12
CA ILE B 216 9.09 19.82 9.59
C ILE B 216 10.10 20.25 10.66
N ALA B 217 9.59 20.70 11.81
CA ALA B 217 10.40 21.11 12.96
C ALA B 217 11.23 19.95 13.53
N ARG B 218 10.67 18.75 13.44
CA ARG B 218 11.34 17.52 13.86
C ARG B 218 12.46 17.17 12.87
N LEU B 219 12.16 17.25 11.58
CA LEU B 219 13.10 16.88 10.51
C LEU B 219 13.94 18.04 9.93
N ALA B 220 13.69 19.28 10.39
CA ALA B 220 14.53 20.43 10.03
C ALA B 220 15.91 20.42 10.72
N VAL B 221 15.95 19.79 11.90
CA VAL B 221 17.10 19.80 12.82
C VAL B 221 18.42 19.13 12.37
N PRO B 222 18.38 17.84 11.93
CA PRO B 222 19.57 16.96 11.96
C PRO B 222 20.88 17.58 11.43
N ALA B 223 20.95 17.88 10.14
CA ALA B 223 22.16 18.34 9.43
C ALA B 223 22.07 17.89 7.99
N PHE C 20 -38.83 -16.95 -0.44
CA PHE C 20 -37.87 -17.47 0.62
C PHE C 20 -36.54 -17.95 0.03
N GLN C 21 -36.61 -18.66 -1.10
CA GLN C 21 -35.41 -18.97 -1.90
C GLN C 21 -34.80 -17.71 -2.58
N SER C 22 -35.61 -16.67 -2.73
CA SER C 22 -35.17 -15.31 -3.12
C SER C 22 -34.09 -14.70 -2.21
N MET C 23 -34.30 -14.84 -0.91
CA MET C 23 -33.43 -14.25 0.12
C MET C 23 -31.90 -14.38 -0.06
N ALA C 24 -31.20 -13.25 0.07
CA ALA C 24 -29.73 -13.25 0.14
C ALA C 24 -29.21 -13.97 1.38
N ASN C 25 -28.03 -14.56 1.31
CA ASN C 25 -27.37 -15.12 2.49
C ASN C 25 -26.22 -14.23 2.91
N VAL C 26 -26.39 -13.57 4.04
CA VAL C 26 -25.38 -12.65 4.56
C VAL C 26 -24.64 -13.34 5.68
N LEU C 27 -23.34 -13.08 5.73
CA LEU C 27 -22.49 -13.51 6.81
C LEU C 27 -22.01 -12.23 7.47
N VAL C 28 -22.27 -12.13 8.76
CA VAL C 28 -22.02 -10.92 9.51
C VAL C 28 -20.95 -11.23 10.56
N LEU C 29 -19.83 -10.52 10.48
CA LEU C 29 -18.71 -10.67 11.39
C LEU C 29 -18.61 -9.45 12.29
N LYS C 30 -18.71 -9.67 13.59
CA LYS C 30 -18.57 -8.62 14.57
C LYS C 30 -17.29 -8.91 15.34
N SER C 31 -16.38 -7.94 15.34
CA SER C 31 -15.13 -8.01 16.06
C SER C 31 -14.90 -6.83 17.01
N SER C 32 -15.91 -6.00 17.30
CA SER C 32 -15.70 -4.92 18.27
C SER C 32 -15.63 -5.49 19.69
N ILE C 33 -14.80 -4.87 20.54
CA ILE C 33 -14.68 -5.22 21.98
C ILE C 33 -15.57 -4.35 22.89
N ASN C 34 -16.37 -3.47 22.31
CA ASN C 34 -17.26 -2.64 23.11
C ASN C 34 -18.68 -3.20 23.38
N GLY C 35 -18.92 -4.49 23.08
CA GLY C 35 -20.20 -5.12 23.39
C GLY C 35 -21.44 -4.37 22.90
N GLU C 36 -22.36 -4.10 23.81
CA GLU C 36 -23.62 -3.40 23.47
C GLU C 36 -23.41 -1.96 22.92
N THR C 37 -22.40 -1.26 23.45
CA THR C 37 -22.05 0.11 23.02
C THR C 37 -21.33 0.16 21.66
N SER C 38 -21.07 -1.00 21.05
CA SER C 38 -20.36 -1.08 19.76
C SER C 38 -21.03 -0.28 18.66
N LEU C 39 -20.34 0.77 18.21
CA LEU C 39 -20.80 1.57 17.08
C LEU C 39 -20.81 0.81 15.72
N THR C 40 -19.78 0.01 15.45
CA THR C 40 -19.74 -0.81 14.22
C THR C 40 -20.87 -1.87 14.23
N ASN C 41 -21.19 -2.40 15.41
CA ASN C 41 -22.32 -3.32 15.51
C ASN C 41 -23.66 -2.61 15.27
N GLN C 42 -23.83 -1.41 15.86
CA GLN C 42 -24.95 -0.48 15.53
C GLN C 42 -25.12 -0.28 14.03
N LEU C 43 -24.03 0.18 13.40
CA LEU C 43 -24.00 0.49 11.97
C LEU C 43 -24.17 -0.75 11.09
N ILE C 44 -23.69 -1.90 11.55
CA ILE C 44 -24.00 -3.15 10.87
C ILE C 44 -25.50 -3.34 10.91
N ASN C 45 -26.10 -3.19 12.08
CA ASN C 45 -27.55 -3.42 12.23
C ASN C 45 -28.39 -2.44 11.39
N GLU C 46 -28.01 -1.16 11.43
CA GLU C 46 -28.60 -0.13 10.59
C GLU C 46 -28.47 -0.50 9.12
N PHE C 47 -27.25 -0.90 8.70
CA PHE C 47 -27.03 -1.43 7.34
C PHE C 47 -27.97 -2.61 7.01
N LEU C 48 -28.28 -3.46 7.98
CA LEU C 48 -29.21 -4.58 7.74
C LEU C 48 -30.69 -4.18 7.79
N ALA C 49 -31.03 -3.19 8.62
CA ALA C 49 -32.38 -2.59 8.63
C ALA C 49 -32.70 -1.90 7.30
N ALA C 50 -31.74 -1.14 6.77
CA ALA C 50 -31.87 -0.53 5.44
C ALA C 50 -32.01 -1.55 4.28
N ARG C 51 -31.19 -2.60 4.28
CA ARG C 51 -31.35 -3.65 3.26
C ARG C 51 -32.78 -4.18 3.22
N GLN C 52 -33.34 -4.40 4.42
CA GLN C 52 -34.73 -4.81 4.56
C GLN C 52 -35.67 -3.72 4.02
N ALA C 53 -35.42 -2.48 4.41
CA ALA C 53 -36.24 -1.35 3.96
C ALA C 53 -36.36 -1.27 2.44
N ALA C 54 -35.30 -1.64 1.73
CA ALA C 54 -35.29 -1.57 0.26
C ALA C 54 -35.67 -2.92 -0.40
N GLY C 55 -36.40 -3.75 0.34
CA GLY C 55 -37.03 -4.94 -0.23
C GLY C 55 -36.10 -6.12 -0.39
N HIS C 56 -34.95 -6.09 0.29
CA HIS C 56 -34.08 -7.28 0.35
C HIS C 56 -34.42 -8.08 1.60
N GLY C 57 -34.76 -9.36 1.39
CA GLY C 57 -34.86 -10.33 2.47
C GLY C 57 -33.54 -11.06 2.69
N ASP C 58 -33.06 -11.12 3.95
CA ASP C 58 -31.75 -11.72 4.26
C ASP C 58 -31.79 -12.82 5.33
N ARG C 59 -30.96 -13.84 5.10
CA ARG C 59 -30.78 -14.94 6.02
C ARG C 59 -29.35 -14.83 6.56
N LEU C 60 -29.25 -14.38 7.81
CA LEU C 60 -27.97 -14.06 8.45
C LEU C 60 -27.37 -15.31 9.05
N ILE C 61 -26.05 -15.39 9.03
CA ILE C 61 -25.30 -16.23 9.97
C ILE C 61 -24.46 -15.21 10.70
N GLU C 62 -24.64 -15.09 12.02
CA GLU C 62 -24.02 -14.00 12.76
C GLU C 62 -22.91 -14.45 13.72
N HIS C 63 -21.72 -13.88 13.56
CA HIS C 63 -20.57 -14.18 14.44
C HIS C 63 -20.07 -12.99 15.26
N ASP C 64 -20.22 -13.08 16.58
CA ASP C 64 -19.53 -12.16 17.44
C ASP C 64 -18.17 -12.76 17.74
N LEU C 65 -17.22 -12.43 16.88
CA LEU C 65 -15.89 -13.00 16.94
C LEU C 65 -15.29 -12.79 18.34
N SER C 66 -15.40 -11.55 18.83
CA SER C 66 -15.10 -11.17 20.21
C SER C 66 -15.42 -12.17 21.37
N ALA C 67 -16.52 -12.89 21.25
CA ALA C 67 -16.96 -13.77 22.30
C ALA C 67 -16.64 -15.23 22.00
N MET C 68 -16.10 -15.51 20.81
CA MET C 68 -15.79 -16.87 20.38
C MET C 68 -14.42 -17.39 20.85
N ALA C 69 -13.59 -16.50 21.40
CA ALA C 69 -12.24 -16.84 21.87
C ALA C 69 -11.48 -17.70 20.84
N LEU C 70 -11.19 -17.11 19.69
CA LEU C 70 -10.60 -17.83 18.58
C LEU C 70 -9.13 -18.13 18.81
N PRO C 71 -8.66 -19.31 18.35
CA PRO C 71 -7.25 -19.62 18.55
C PRO C 71 -6.34 -18.70 17.73
N THR C 72 -5.22 -18.28 18.33
CA THR C 72 -4.15 -17.58 17.61
C THR C 72 -3.50 -18.61 16.70
N LEU C 73 -3.14 -18.18 15.50
CA LEU C 73 -2.36 -19.01 14.62
C LEU C 73 -0.97 -19.23 15.18
N ASP C 74 -0.59 -20.50 15.30
CA ASP C 74 0.74 -20.90 15.76
C ASP C 74 1.26 -22.00 14.81
N ARG C 75 2.49 -22.44 15.07
CA ARG C 75 3.18 -23.40 14.20
C ARG C 75 2.44 -24.71 13.98
N PRO C 76 2.01 -25.38 15.07
CA PRO C 76 1.29 -26.61 14.77
C PRO C 76 0.00 -26.34 13.98
N LEU C 77 -0.75 -25.30 14.34
CA LEU C 77 -2.03 -25.06 13.69
C LEU C 77 -1.87 -24.70 12.21
N PHE C 78 -0.87 -23.87 11.89
CA PHE C 78 -0.66 -23.52 10.48
C PHE C 78 -0.39 -24.77 9.64
N ALA C 79 0.48 -25.63 10.17
CA ALA C 79 0.80 -26.91 9.53
C ALA C 79 -0.45 -27.74 9.34
N ALA C 80 -1.17 -27.94 10.44
CA ALA C 80 -2.50 -28.59 10.45
C ALA C 80 -3.46 -28.04 9.41
N LEU C 81 -3.51 -26.72 9.27
CA LEU C 81 -4.34 -26.09 8.23
C LEU C 81 -3.81 -26.37 6.82
N ARG C 82 -2.49 -26.41 6.68
CA ARG C 82 -1.83 -26.70 5.40
C ARG C 82 -1.85 -28.21 5.02
N GLY C 83 -2.99 -28.89 5.23
CA GLY C 83 -3.17 -30.27 4.81
C GLY C 83 -2.51 -31.36 5.65
N ALA C 84 -1.99 -31.02 6.84
CA ALA C 84 -1.26 -31.98 7.68
C ALA C 84 -2.17 -33.03 8.34
N VAL C 85 -1.55 -34.04 8.95
CA VAL C 85 -2.24 -34.97 9.86
C VAL C 85 -1.75 -34.62 11.26
N ASP C 86 -2.63 -34.09 12.10
CA ASP C 86 -2.29 -33.85 13.50
C ASP C 86 -3.39 -34.46 14.33
N PRO C 87 -3.05 -35.47 15.17
CA PRO C 87 -4.15 -36.05 15.93
C PRO C 87 -4.49 -35.32 17.24
N GLN C 88 -3.73 -34.30 17.63
CA GLN C 88 -4.04 -33.57 18.86
C GLN C 88 -5.49 -33.07 18.86
N PRO C 89 -6.06 -32.84 20.06
CA PRO C 89 -7.47 -32.46 20.11
C PRO C 89 -7.69 -30.95 19.86
N ALA C 90 -7.02 -30.07 20.62
CA ALA C 90 -7.19 -28.60 20.50
C ALA C 90 -6.97 -28.13 19.07
N ILE C 91 -5.97 -28.71 18.43
CA ILE C 91 -5.66 -28.43 17.04
C ILE C 91 -6.66 -29.10 16.09
N ARG C 92 -7.09 -30.34 16.35
CA ARG C 92 -8.11 -30.97 15.49
C ARG C 92 -9.45 -30.22 15.56
N GLU C 93 -9.72 -29.56 16.70
CA GLU C 93 -10.94 -28.72 16.84
C GLU C 93 -10.88 -27.39 16.08
N ALA C 94 -9.72 -26.71 16.12
CA ALA C 94 -9.52 -25.44 15.42
C ALA C 94 -9.53 -25.59 13.90
N VAL C 95 -9.04 -26.72 13.42
CA VAL C 95 -9.21 -27.09 12.01
C VAL C 95 -10.68 -27.32 11.63
N ALA C 96 -11.42 -28.00 12.49
CA ALA C 96 -12.86 -28.23 12.28
C ALA C 96 -13.66 -26.93 12.30
N LEU C 97 -13.26 -25.99 13.16
CA LEU C 97 -13.82 -24.65 13.19
C LEU C 97 -13.48 -23.92 11.89
N SER C 98 -12.19 -23.88 11.54
CA SER C 98 -11.74 -23.27 10.29
C SER C 98 -12.63 -23.74 9.14
N ASP C 99 -12.72 -25.06 8.93
CA ASP C 99 -13.58 -25.65 7.90
C ASP C 99 -15.01 -25.09 7.91
N GLN C 100 -15.55 -24.94 9.11
CA GLN C 100 -16.90 -24.44 9.37
C GLN C 100 -17.06 -22.97 9.04
N LEU C 101 -16.08 -22.14 9.40
CA LEU C 101 -16.12 -20.72 9.07
C LEU C 101 -15.98 -20.52 7.58
N ILE C 102 -15.20 -21.41 6.95
CA ILE C 102 -14.95 -21.35 5.51
C ILE C 102 -16.20 -21.74 4.74
N ALA C 103 -16.78 -22.88 5.11
CA ALA C 103 -18.00 -23.38 4.48
C ALA C 103 -19.19 -22.39 4.60
N GLU C 104 -19.21 -21.63 5.68
CA GLU C 104 -20.17 -20.52 5.85
C GLU C 104 -19.88 -19.41 4.84
N LEU C 105 -18.61 -19.08 4.67
CA LEU C 105 -18.19 -18.00 3.77
C LEU C 105 -18.51 -18.32 2.33
N LYS C 106 -18.09 -19.51 1.87
CA LYS C 106 -18.34 -19.91 0.48
C LYS C 106 -19.81 -20.14 0.18
N ALA C 107 -20.63 -20.29 1.21
CA ALA C 107 -22.09 -20.42 1.02
C ALA C 107 -22.80 -19.08 0.97
N SER C 108 -22.15 -18.03 1.48
CA SER C 108 -22.76 -16.71 1.59
C SER C 108 -22.78 -16.03 0.24
N ASP C 109 -23.66 -15.04 0.11
CA ASP C 109 -23.69 -14.10 -1.04
C ASP C 109 -23.13 -12.74 -0.67
N LEU C 110 -23.35 -12.29 0.57
CA LEU C 110 -22.81 -10.98 1.03
C LEU C 110 -22.07 -11.17 2.35
N LEU C 111 -20.85 -10.66 2.44
CA LEU C 111 -20.07 -10.68 3.68
C LEU C 111 -20.01 -9.25 4.29
N VAL C 112 -20.43 -9.13 5.53
CA VAL C 112 -20.48 -7.83 6.20
C VAL C 112 -19.57 -7.93 7.39
N ILE C 113 -18.67 -6.96 7.55
CA ILE C 113 -17.62 -7.07 8.53
C ILE C 113 -17.49 -5.80 9.37
N GLY C 114 -17.40 -6.00 10.69
CA GLY C 114 -17.21 -4.92 11.63
C GLY C 114 -15.74 -4.83 11.89
N ALA C 115 -15.13 -3.72 11.48
CA ALA C 115 -13.69 -3.59 11.50
C ALA C 115 -13.26 -2.19 11.89
N PRO C 116 -13.59 -1.76 13.14
CA PRO C 116 -13.15 -0.44 13.62
C PRO C 116 -11.64 -0.42 13.83
N MET C 117 -11.04 0.75 13.80
CA MET C 117 -9.60 0.85 13.90
C MET C 117 -9.22 0.79 15.37
N TYR C 118 -8.39 -0.20 15.72
CA TYR C 118 -7.79 -0.29 17.05
C TYR C 118 -6.29 -0.31 16.91
N ASN C 119 -5.64 0.71 17.45
CA ASN C 119 -4.19 0.85 17.40
C ASN C 119 -3.66 0.65 15.99
N LEU C 120 -4.33 1.36 15.07
CA LEU C 120 -4.03 1.47 13.64
C LEU C 120 -4.18 0.21 12.83
N ASN C 121 -4.82 -0.80 13.42
CA ASN C 121 -5.05 -2.06 12.76
C ASN C 121 -6.52 -2.43 12.93
N VAL C 122 -6.87 -3.61 12.43
CA VAL C 122 -8.20 -4.17 12.68
C VAL C 122 -8.18 -4.74 14.10
N PRO C 123 -9.36 -5.05 14.66
CA PRO C 123 -9.28 -5.70 15.95
C PRO C 123 -8.74 -7.12 15.76
N THR C 124 -7.94 -7.55 16.75
CA THR C 124 -7.25 -8.85 16.76
C THR C 124 -8.19 -10.00 16.44
N ASP C 125 -9.41 -9.89 16.92
CA ASP C 125 -10.42 -10.93 16.74
C ASP C 125 -10.80 -11.10 15.28
N LEU C 126 -10.80 -9.99 14.52
CA LEU C 126 -11.12 -10.05 13.10
C LEU C 126 -9.98 -10.70 12.40
N LYS C 127 -8.81 -10.18 12.69
CA LYS C 127 -7.57 -10.73 12.19
C LYS C 127 -7.56 -12.26 12.35
N LYS C 128 -7.93 -12.71 13.54
CA LYS C 128 -7.88 -14.12 13.87
C LYS C 128 -8.76 -14.97 12.98
N TRP C 129 -9.93 -14.44 12.61
CA TRP C 129 -10.82 -15.09 11.64
C TRP C 129 -10.21 -15.17 10.25
N PHE C 130 -9.53 -14.10 9.87
CA PHE C 130 -8.81 -14.11 8.60
C PHE C 130 -7.70 -15.13 8.59
N ASP C 131 -7.00 -15.32 9.71
CA ASP C 131 -5.93 -16.33 9.78
C ASP C 131 -6.43 -17.78 9.76
N LEU C 132 -7.73 -18.00 10.03
CA LEU C 132 -8.33 -19.34 9.95
C LEU C 132 -8.94 -19.58 8.60
N VAL C 133 -9.50 -18.53 8.01
CA VAL C 133 -10.26 -18.63 6.76
C VAL C 133 -9.40 -18.43 5.48
N ALA C 134 -8.42 -17.52 5.53
CA ALA C 134 -7.46 -17.34 4.43
C ALA C 134 -6.52 -18.53 4.40
N ARG C 135 -6.81 -19.49 3.51
CA ARG C 135 -6.26 -20.85 3.63
C ARG C 135 -6.13 -21.60 2.31
N ALA C 136 -4.90 -22.02 2.01
CA ALA C 136 -4.57 -22.66 0.73
C ALA C 136 -5.37 -23.93 0.50
N ARG C 137 -5.76 -24.16 -0.74
CA ARG C 137 -6.60 -25.30 -1.16
C ARG C 137 -8.09 -25.16 -0.75
N GLU C 138 -8.41 -24.19 0.12
CA GLU C 138 -9.78 -23.97 0.61
C GLU C 138 -10.33 -22.68 0.05
N THR C 139 -9.85 -21.52 0.55
CA THR C 139 -10.32 -20.23 0.04
C THR C 139 -9.47 -19.71 -1.14
N PHE C 140 -8.22 -20.13 -1.26
CA PHE C 140 -7.37 -19.73 -2.40
C PHE C 140 -6.43 -20.86 -2.78
N ARG C 141 -6.01 -20.91 -4.03
CA ARG C 141 -5.07 -21.93 -4.46
C ARG C 141 -3.87 -21.39 -5.24
N TYR C 142 -2.72 -22.02 -4.95
CA TYR C 142 -1.41 -21.68 -5.54
C TYR C 142 -1.34 -21.97 -7.02
N THR C 143 -0.43 -21.25 -7.64
CA THR C 143 -0.32 -21.17 -9.08
C THR C 143 1.14 -20.84 -9.34
N GLU C 144 1.61 -21.09 -10.56
CA GLU C 144 2.96 -20.71 -10.97
C GLU C 144 3.27 -19.22 -10.66
N SER C 145 2.33 -18.31 -10.96
CA SER C 145 2.42 -16.90 -10.51
C SER C 145 1.54 -16.67 -9.27
N TRP C 146 0.38 -16.03 -9.46
CA TRP C 146 -0.40 -15.43 -8.36
C TRP C 146 -1.43 -16.46 -7.94
N PRO C 147 -2.01 -16.35 -6.72
CA PRO C 147 -3.02 -17.32 -6.26
C PRO C 147 -4.43 -16.97 -6.71
N GLN C 148 -5.14 -17.97 -7.22
CA GLN C 148 -6.52 -17.80 -7.63
C GLN C 148 -7.36 -17.87 -6.36
N GLY C 149 -8.43 -17.09 -6.30
CA GLY C 149 -9.41 -17.21 -5.21
C GLY C 149 -10.43 -18.30 -5.52
N LEU C 150 -10.96 -18.91 -4.46
CA LEU C 150 -12.01 -19.94 -4.59
C LEU C 150 -13.35 -19.56 -3.93
N VAL C 151 -13.41 -18.38 -3.32
CA VAL C 151 -14.65 -17.86 -2.77
C VAL C 151 -15.36 -17.10 -3.89
N GLU C 152 -16.22 -17.81 -4.60
CA GLU C 152 -16.97 -17.24 -5.72
C GLU C 152 -18.36 -16.70 -5.32
N GLY C 153 -18.73 -15.56 -5.91
CA GLY C 153 -20.08 -15.01 -5.75
C GLY C 153 -20.31 -14.26 -4.46
N VAL C 154 -19.25 -13.63 -3.94
CA VAL C 154 -19.27 -12.98 -2.64
C VAL C 154 -18.76 -11.55 -2.76
N ARG C 155 -19.66 -10.59 -2.58
CA ARG C 155 -19.30 -9.20 -2.37
C ARG C 155 -18.95 -9.09 -0.90
N ALA C 156 -18.38 -7.97 -0.50
CA ALA C 156 -18.31 -7.62 0.92
C ALA C 156 -18.56 -6.15 1.22
N VAL C 157 -18.96 -5.89 2.47
CA VAL C 157 -19.18 -4.55 2.96
C VAL C 157 -18.56 -4.39 4.32
N VAL C 158 -17.72 -3.38 4.48
CA VAL C 158 -16.92 -3.22 5.68
C VAL C 158 -17.29 -1.95 6.43
N VAL C 159 -17.77 -2.13 7.66
CA VAL C 159 -18.10 -1.02 8.53
C VAL C 159 -16.88 -0.76 9.38
N SER C 160 -16.31 0.43 9.24
CA SER C 160 -15.14 0.76 9.98
C SER C 160 -15.31 2.16 10.52
N SER C 161 -15.57 2.24 11.82
CA SER C 161 -15.57 3.50 12.51
C SER C 161 -14.17 3.78 13.02
N ARG C 162 -13.82 5.06 13.06
CA ARG C 162 -12.53 5.54 13.47
C ARG C 162 -12.63 6.75 14.38
N GLY C 163 -11.85 6.76 15.45
CA GLY C 163 -11.75 7.95 16.28
C GLY C 163 -11.20 9.16 15.53
N GLY C 164 -10.15 8.92 14.75
CA GLY C 164 -9.54 9.94 13.91
C GLY C 164 -8.27 10.46 14.54
N ILE C 165 -8.00 11.73 14.24
CA ILE C 165 -6.81 12.43 14.71
C ILE C 165 -6.54 12.31 16.22
N HIS C 166 -7.57 12.51 17.03
CA HIS C 166 -7.45 12.45 18.48
C HIS C 166 -6.89 11.09 18.91
N GLN C 167 -7.26 10.02 18.22
CA GLN C 167 -6.76 8.66 18.51
C GLN C 167 -5.58 8.22 17.63
N GLY C 168 -4.85 9.20 17.08
CA GLY C 168 -3.58 8.94 16.40
C GLY C 168 -3.65 8.34 15.01
N GLU C 169 -4.80 8.38 14.35
CA GLU C 169 -4.87 7.93 12.95
C GLU C 169 -4.02 8.84 12.05
N THR C 170 -2.79 8.43 11.75
CA THR C 170 -1.91 9.16 10.81
C THR C 170 -2.05 8.66 9.37
N THR C 171 -2.39 7.37 9.20
CA THR C 171 -2.77 6.80 7.90
C THR C 171 -3.79 5.67 8.08
N ASP C 172 -4.41 5.25 6.99
CA ASP C 172 -5.38 4.17 7.01
C ASP C 172 -4.66 2.98 6.38
N ALA C 173 -4.21 2.06 7.22
CA ALA C 173 -3.71 0.77 6.77
C ALA C 173 -4.80 -0.29 6.72
N VAL C 174 -5.92 -0.03 7.41
CA VAL C 174 -7.01 -1.01 7.51
C VAL C 174 -7.65 -1.31 6.15
N THR C 175 -7.90 -0.22 5.42
CA THR C 175 -8.58 -0.26 4.14
C THR C 175 -7.81 -1.19 3.19
N PRO C 176 -6.57 -0.79 2.78
CA PRO C 176 -5.83 -1.63 1.84
C PRO C 176 -5.56 -3.03 2.37
N TYR C 177 -5.33 -3.18 3.68
CA TYR C 177 -5.16 -4.50 4.27
C TYR C 177 -6.35 -5.38 3.88
N LEU C 178 -7.54 -4.90 4.19
CA LEU C 178 -8.77 -5.64 4.00
C LEU C 178 -9.06 -5.96 2.55
N ARG C 179 -8.85 -5.00 1.65
CA ARG C 179 -9.10 -5.28 0.21
C ARG C 179 -8.17 -6.37 -0.30
N ALA C 180 -6.94 -6.33 0.18
CA ALA C 180 -5.93 -7.29 -0.22
C ALA C 180 -6.21 -8.72 0.34
N VAL C 181 -6.38 -8.84 1.65
CA VAL C 181 -6.72 -10.13 2.22
C VAL C 181 -8.04 -10.72 1.67
N LEU C 182 -9.02 -9.86 1.39
CA LEU C 182 -10.29 -10.32 0.77
C LEU C 182 -10.08 -10.68 -0.69
N GLY C 183 -9.23 -9.92 -1.37
CA GLY C 183 -8.82 -10.20 -2.73
C GLY C 183 -8.14 -11.55 -2.85
N LEU C 184 -7.22 -11.82 -1.94
CA LEU C 184 -6.52 -13.10 -1.89
C LEU C 184 -7.45 -14.28 -2.19
N MET C 185 -8.57 -14.34 -1.49
CA MET C 185 -9.51 -15.49 -1.65
C MET C 185 -10.67 -15.22 -2.61
N GLY C 186 -10.57 -14.13 -3.37
CA GLY C 186 -11.45 -13.89 -4.53
C GLY C 186 -12.58 -12.90 -4.32
N ILE C 187 -12.55 -12.20 -3.21
CA ILE C 187 -13.54 -11.20 -2.89
C ILE C 187 -12.95 -9.87 -3.36
N GLN C 188 -13.18 -9.61 -4.64
CA GLN C 188 -12.69 -8.42 -5.32
C GLN C 188 -13.55 -7.19 -5.13
N GLU C 189 -14.84 -7.44 -4.88
CA GLU C 189 -15.82 -6.39 -4.75
C GLU C 189 -16.01 -6.03 -3.29
N VAL C 190 -15.50 -4.87 -2.89
CA VAL C 190 -15.56 -4.43 -1.51
C VAL C 190 -15.96 -2.97 -1.42
N GLU C 191 -16.93 -2.63 -0.58
CA GLU C 191 -17.26 -1.23 -0.31
C GLU C 191 -17.21 -1.00 1.18
N PHE C 192 -16.90 0.23 1.58
CA PHE C 192 -16.74 0.61 2.96
C PHE C 192 -17.83 1.58 3.47
N ILE C 193 -18.10 1.49 4.77
CA ILE C 193 -18.95 2.41 5.48
C ILE C 193 -18.04 3.08 6.51
N TYR C 194 -17.50 4.25 6.19
CA TYR C 194 -16.64 4.96 7.14
C TYR C 194 -17.37 5.92 8.06
N ALA C 195 -17.34 5.65 9.36
CA ALA C 195 -17.70 6.63 10.35
C ALA C 195 -16.41 7.27 10.87
N GLU C 196 -15.90 8.25 10.14
CA GLU C 196 -14.62 8.90 10.49
C GLU C 196 -14.81 9.97 11.55
N GLY C 197 -13.68 10.52 12.02
CA GLY C 197 -13.62 11.68 12.92
C GLY C 197 -14.48 11.71 14.19
N LEU C 198 -14.86 10.53 14.70
CA LEU C 198 -15.84 10.44 15.80
C LEU C 198 -15.42 11.11 17.10
N ASP C 199 -14.11 11.25 17.29
CA ASP C 199 -13.52 11.96 18.43
C ASP C 199 -13.45 13.49 18.26
N ASN C 200 -13.73 14.03 17.07
CA ASN C 200 -13.60 15.48 16.85
C ASN C 200 -14.66 16.29 17.61
N ARG C 201 -14.21 17.35 18.31
CA ARG C 201 -15.09 18.15 19.17
C ARG C 201 -15.78 19.27 18.35
N PRO C 202 -17.09 19.53 18.58
CA PRO C 202 -18.06 18.85 19.45
C PRO C 202 -19.15 18.05 18.71
N HIS C 203 -19.10 18.00 17.38
CA HIS C 203 -20.13 17.30 16.58
C HIS C 203 -19.59 16.12 15.78
N GLY C 204 -18.32 15.77 15.99
CA GLY C 204 -17.62 14.77 15.17
C GLY C 204 -18.27 13.41 15.15
N ARG C 205 -18.75 12.97 16.31
CA ARG C 205 -19.46 11.69 16.39
C ARG C 205 -20.78 11.70 15.61
N ASP C 206 -21.49 12.82 15.66
CA ASP C 206 -22.79 12.96 15.01
C ASP C 206 -22.58 13.04 13.51
N ALA C 207 -21.52 13.75 13.11
CA ALA C 207 -21.18 13.95 11.70
C ALA C 207 -20.74 12.65 11.01
N GLY C 208 -19.90 11.87 11.69
CA GLY C 208 -19.48 10.55 11.21
C GLY C 208 -20.61 9.55 11.18
N ILE C 209 -21.41 9.49 12.25
CA ILE C 209 -22.62 8.67 12.26
C ILE C 209 -23.53 9.03 11.08
N ALA C 210 -23.72 10.32 10.86
CA ALA C 210 -24.52 10.79 9.74
C ALA C 210 -23.87 10.33 8.43
N SER C 211 -22.59 10.67 8.27
CA SER C 211 -21.82 10.29 7.11
C SER C 211 -22.06 8.81 6.85
N ALA C 212 -21.85 8.00 7.87
CA ALA C 212 -22.05 6.55 7.74
C ALA C 212 -23.43 6.24 7.27
N ARG C 213 -24.41 6.89 7.89
CA ARG C 213 -25.83 6.69 7.54
C ARG C 213 -26.20 6.92 6.05
N ALA C 214 -25.65 7.99 5.49
CA ALA C 214 -25.82 8.30 4.08
C ALA C 214 -25.11 7.27 3.17
N GLN C 215 -23.94 6.81 3.61
CA GLN C 215 -23.25 5.72 2.94
C GLN C 215 -24.10 4.44 2.95
N ILE C 216 -24.67 4.15 4.12
CA ILE C 216 -25.66 3.07 4.25
C ILE C 216 -26.86 3.21 3.31
N ALA C 217 -27.49 4.39 3.29
CA ALA C 217 -28.64 4.68 2.38
C ALA C 217 -28.31 4.36 0.92
N ARG C 218 -27.09 4.67 0.52
CA ARG C 218 -26.64 4.36 -0.83
C ARG C 218 -26.45 2.85 -1.04
N LEU C 219 -25.74 2.20 -0.13
CA LEU C 219 -25.34 0.80 -0.32
C LEU C 219 -26.40 -0.21 -0.01
N ALA C 220 -27.50 0.22 0.61
CA ALA C 220 -28.60 -0.68 0.84
C ALA C 220 -29.24 -1.09 -0.49
N VAL C 221 -29.17 -0.21 -1.49
CA VAL C 221 -29.97 -0.40 -2.71
C VAL C 221 -29.60 -1.63 -3.56
N PRO C 222 -28.32 -1.77 -3.96
CA PRO C 222 -27.88 -2.73 -4.99
C PRO C 222 -28.60 -4.07 -5.13
N ALA C 223 -28.82 -4.79 -4.02
CA ALA C 223 -29.12 -6.26 -4.01
C ALA C 223 -27.85 -7.06 -3.81
N TYR D 19 -22.47 -19.53 -33.79
CA TYR D 19 -21.11 -20.15 -33.64
C TYR D 19 -20.38 -19.79 -32.33
N PHE D 20 -20.09 -18.50 -32.12
CA PHE D 20 -19.30 -18.01 -30.96
C PHE D 20 -20.03 -18.15 -29.61
N GLN D 21 -19.30 -18.56 -28.56
CA GLN D 21 -19.89 -18.72 -27.20
C GLN D 21 -20.32 -17.39 -26.54
N SER D 22 -19.73 -16.26 -26.96
CA SER D 22 -20.12 -14.90 -26.48
C SER D 22 -19.59 -13.75 -27.38
N MET D 23 -20.09 -12.53 -27.14
CA MET D 23 -19.61 -11.27 -27.79
C MET D 23 -19.01 -10.36 -26.73
N ALA D 24 -18.26 -9.33 -27.15
CA ALA D 24 -17.67 -8.37 -26.21
C ALA D 24 -17.01 -7.14 -26.87
N ASN D 25 -17.14 -6.00 -26.22
CA ASN D 25 -16.42 -4.77 -26.58
C ASN D 25 -15.19 -4.64 -25.71
N VAL D 26 -14.03 -4.84 -26.31
CA VAL D 26 -12.81 -4.78 -25.57
C VAL D 26 -12.13 -3.46 -25.92
N LEU D 27 -11.70 -2.73 -24.90
CA LEU D 27 -10.83 -1.59 -25.07
C LEU D 27 -9.42 -2.05 -24.73
N VAL D 28 -8.51 -1.88 -25.69
CA VAL D 28 -7.12 -2.32 -25.55
C VAL D 28 -6.19 -1.12 -25.49
N LEU D 29 -5.53 -0.91 -24.36
CA LEU D 29 -4.55 0.15 -24.25
C LEU D 29 -3.17 -0.47 -24.22
N LYS D 30 -2.34 -0.12 -25.20
CA LYS D 30 -0.89 -0.44 -25.22
C LYS D 30 -0.08 0.81 -24.83
N SER D 31 0.91 0.64 -23.96
CA SER D 31 1.75 1.76 -23.51
C SER D 31 3.27 1.48 -23.46
N SER D 32 3.72 0.40 -24.11
CA SER D 32 5.15 0.09 -24.17
C SER D 32 5.84 1.05 -25.12
N ILE D 33 7.12 1.34 -24.85
CA ILE D 33 7.94 2.14 -25.79
C ILE D 33 8.75 1.25 -26.71
N ASN D 34 8.65 -0.07 -26.55
CA ASN D 34 9.40 -0.99 -27.38
C ASN D 34 8.87 -1.24 -28.80
N GLY D 35 7.79 -0.61 -29.23
CA GLY D 35 7.26 -0.80 -30.59
C GLY D 35 6.91 -2.27 -30.89
N GLU D 36 7.51 -2.83 -31.94
CA GLU D 36 7.32 -4.25 -32.31
C GLU D 36 7.95 -5.27 -31.37
N THR D 37 8.85 -4.83 -30.50
CA THR D 37 9.57 -5.74 -29.59
C THR D 37 8.87 -5.83 -28.24
N SER D 38 7.79 -5.09 -28.06
CA SER D 38 7.08 -5.04 -26.79
C SER D 38 6.52 -6.41 -26.37
N LEU D 39 6.95 -6.86 -25.20
CA LEU D 39 6.47 -8.09 -24.62
C LEU D 39 5.03 -7.95 -24.15
N THR D 40 4.68 -6.79 -23.57
CA THR D 40 3.28 -6.56 -23.17
C THR D 40 2.31 -6.64 -24.36
N ASN D 41 2.73 -6.11 -25.50
CA ASN D 41 1.88 -6.14 -26.69
C ASN D 41 1.81 -7.54 -27.35
N GLN D 42 2.84 -8.40 -27.19
CA GLN D 42 2.69 -9.80 -27.57
C GLN D 42 1.56 -10.39 -26.80
N LEU D 43 1.62 -10.20 -25.49
CA LEU D 43 0.84 -10.99 -24.54
C LEU D 43 -0.59 -10.50 -24.51
N ILE D 44 -0.77 -9.20 -24.67
CA ILE D 44 -2.07 -8.65 -25.03
C ILE D 44 -2.66 -9.40 -26.23
N ASN D 45 -1.91 -9.52 -27.32
CA ASN D 45 -2.40 -10.20 -28.54
C ASN D 45 -2.52 -11.69 -28.36
N GLU D 46 -1.72 -12.27 -27.49
CA GLU D 46 -1.86 -13.70 -27.19
C GLU D 46 -3.08 -13.96 -26.32
N PHE D 47 -3.30 -13.09 -25.35
CA PHE D 47 -4.50 -13.11 -24.53
C PHE D 47 -5.74 -13.02 -25.39
N LEU D 48 -5.78 -12.05 -26.31
CA LEU D 48 -6.93 -11.88 -27.22
C LEU D 48 -7.12 -13.10 -28.08
N ALA D 49 -6.06 -13.53 -28.73
CA ALA D 49 -6.06 -14.73 -29.56
C ALA D 49 -6.65 -15.92 -28.83
N ALA D 50 -6.36 -16.02 -27.53
CA ALA D 50 -6.81 -17.12 -26.71
C ALA D 50 -8.29 -16.98 -26.36
N ARG D 51 -8.73 -15.74 -26.14
CA ARG D 51 -10.14 -15.48 -25.89
C ARG D 51 -10.99 -15.89 -27.08
N GLN D 52 -10.44 -15.73 -28.27
CA GLN D 52 -11.10 -16.22 -29.48
C GLN D 52 -11.13 -17.75 -29.54
N ALA D 53 -10.01 -18.40 -29.21
CA ALA D 53 -9.91 -19.87 -29.23
C ALA D 53 -10.81 -20.49 -28.19
N ALA D 54 -11.05 -19.71 -27.12
CA ALA D 54 -12.01 -20.05 -26.06
C ALA D 54 -13.46 -19.77 -26.44
N GLY D 55 -13.71 -19.26 -27.65
CA GLY D 55 -15.08 -18.98 -28.13
C GLY D 55 -15.67 -17.61 -27.83
N HIS D 56 -14.86 -16.62 -27.40
CA HIS D 56 -15.35 -15.22 -27.26
C HIS D 56 -15.03 -14.40 -28.51
N GLY D 57 -16.05 -13.85 -29.15
CA GLY D 57 -15.87 -12.93 -30.30
C GLY D 57 -15.83 -11.46 -29.89
N ASP D 58 -14.65 -10.84 -30.02
CA ASP D 58 -14.37 -9.51 -29.45
C ASP D 58 -14.32 -8.41 -30.50
N ARG D 59 -14.91 -7.25 -30.20
CA ARG D 59 -14.69 -6.04 -31.00
C ARG D 59 -13.71 -5.16 -30.26
N LEU D 60 -12.57 -4.89 -30.90
CA LEU D 60 -11.48 -4.13 -30.29
C LEU D 60 -11.54 -2.66 -30.65
N ILE D 61 -11.47 -1.80 -29.63
CA ILE D 61 -10.97 -0.43 -29.83
C ILE D 61 -9.58 -0.51 -29.26
N GLU D 62 -8.58 -0.19 -30.07
CA GLU D 62 -7.18 -0.32 -29.68
C GLU D 62 -6.45 1.03 -29.69
N HIS D 63 -5.56 1.24 -28.73
CA HIS D 63 -4.79 2.49 -28.65
C HIS D 63 -3.35 2.20 -28.32
N ASP D 64 -2.45 2.46 -29.25
CA ASP D 64 -1.03 2.63 -28.90
C ASP D 64 -0.84 4.04 -28.28
N LEU D 65 -0.81 4.07 -26.95
CA LEU D 65 -0.71 5.33 -26.20
C LEU D 65 0.60 6.02 -26.50
N SER D 66 1.64 5.21 -26.68
CA SER D 66 2.95 5.66 -27.10
C SER D 66 2.91 6.54 -28.36
N ALA D 67 2.14 6.11 -29.36
CA ALA D 67 2.03 6.84 -30.63
C ALA D 67 1.16 8.09 -30.59
N MET D 68 0.33 8.24 -29.55
CA MET D 68 -0.69 9.31 -29.49
C MET D 68 -0.18 10.63 -28.91
N ALA D 69 1.02 10.66 -28.35
CA ALA D 69 1.60 11.89 -27.81
C ALA D 69 0.55 12.68 -27.04
N LEU D 70 -0.09 12.01 -26.09
CA LEU D 70 -1.15 12.61 -25.29
C LEU D 70 -0.58 13.78 -24.49
N PRO D 71 -1.45 14.64 -23.94
CA PRO D 71 -0.92 15.74 -23.18
C PRO D 71 -0.79 15.41 -21.71
N THR D 72 0.28 15.94 -21.11
CA THR D 72 0.45 16.00 -19.68
C THR D 72 -0.71 16.80 -19.05
N LEU D 73 -0.99 16.52 -17.78
CA LEU D 73 -1.95 17.29 -17.00
C LEU D 73 -1.26 18.54 -16.42
N ASP D 74 -1.78 19.71 -16.79
CA ASP D 74 -1.37 21.01 -16.21
C ASP D 74 -2.58 21.75 -15.66
N ARG D 75 -2.32 22.87 -14.96
CA ARG D 75 -3.36 23.62 -14.25
C ARG D 75 -4.56 23.95 -15.13
N PRO D 76 -4.33 24.56 -16.30
CA PRO D 76 -5.50 24.94 -17.09
C PRO D 76 -6.28 23.76 -17.71
N LEU D 77 -5.62 22.67 -18.07
CA LEU D 77 -6.35 21.48 -18.52
C LEU D 77 -7.20 20.91 -17.38
N PHE D 78 -6.64 20.88 -16.17
CA PHE D 78 -7.40 20.37 -15.03
C PHE D 78 -8.67 21.19 -14.80
N ALA D 79 -8.48 22.52 -14.75
CA ALA D 79 -9.62 23.47 -14.69
C ALA D 79 -10.62 23.15 -15.78
N ALA D 80 -10.13 22.99 -17.00
CA ALA D 80 -10.99 22.69 -18.16
C ALA D 80 -11.77 21.38 -18.02
N LEU D 81 -11.10 20.35 -17.50
CA LEU D 81 -11.71 19.04 -17.25
C LEU D 81 -12.74 19.08 -16.11
N ARG D 82 -12.55 20.03 -15.19
CA ARG D 82 -13.49 20.28 -14.10
C ARG D 82 -14.83 20.87 -14.57
N GLY D 83 -14.89 21.32 -15.81
CA GLY D 83 -16.09 21.96 -16.37
C GLY D 83 -15.90 23.45 -16.64
N ALA D 84 -14.67 23.95 -16.48
CA ALA D 84 -14.37 25.37 -16.74
C ALA D 84 -14.45 25.73 -18.23
N VAL D 85 -14.43 27.04 -18.48
CA VAL D 85 -14.43 27.60 -19.82
C VAL D 85 -13.01 28.01 -20.11
N ASP D 86 -12.44 27.47 -21.18
CA ASP D 86 -11.16 27.97 -21.68
C ASP D 86 -11.35 28.28 -23.16
N PRO D 87 -10.91 29.50 -23.58
CA PRO D 87 -10.98 29.84 -24.99
C PRO D 87 -9.87 29.20 -25.85
N GLN D 88 -8.80 28.69 -25.24
CA GLN D 88 -7.73 28.10 -26.04
C GLN D 88 -8.21 26.84 -26.74
N PRO D 89 -7.91 26.71 -28.03
CA PRO D 89 -8.23 25.46 -28.72
C PRO D 89 -7.45 24.25 -28.20
N ALA D 90 -6.14 24.35 -28.06
CA ALA D 90 -5.28 23.25 -27.58
C ALA D 90 -5.87 22.51 -26.34
N ILE D 91 -6.39 23.29 -25.42
CA ILE D 91 -7.01 22.80 -24.20
C ILE D 91 -8.38 22.17 -24.48
N ARG D 92 -9.08 22.70 -25.48
CA ARG D 92 -10.43 22.22 -25.81
C ARG D 92 -10.39 20.99 -26.72
N GLU D 93 -9.27 20.80 -27.41
CA GLU D 93 -9.00 19.57 -28.17
C GLU D 93 -8.71 18.42 -27.19
N ALA D 94 -7.97 18.74 -26.13
CA ALA D 94 -7.59 17.77 -25.09
C ALA D 94 -8.78 17.35 -24.25
N VAL D 95 -9.67 18.29 -23.97
CA VAL D 95 -10.94 17.98 -23.27
C VAL D 95 -11.77 17.02 -24.09
N ALA D 96 -11.82 17.27 -25.40
CA ALA D 96 -12.53 16.40 -26.33
C ALA D 96 -11.94 14.99 -26.42
N LEU D 97 -10.60 14.92 -26.34
CA LEU D 97 -9.91 13.65 -26.29
C LEU D 97 -10.31 12.85 -25.05
N SER D 98 -10.23 13.52 -23.90
CA SER D 98 -10.73 12.97 -22.64
C SER D 98 -12.13 12.42 -22.78
N ASP D 99 -13.05 13.27 -23.26
CA ASP D 99 -14.48 12.90 -23.41
C ASP D 99 -14.66 11.64 -24.25
N GLN D 100 -13.82 11.48 -25.28
CA GLN D 100 -13.83 10.29 -26.13
C GLN D 100 -13.21 9.07 -25.47
N LEU D 101 -12.04 9.24 -24.86
CA LEU D 101 -11.39 8.15 -24.13
C LEU D 101 -12.31 7.54 -23.06
N ILE D 102 -13.06 8.41 -22.38
CA ILE D 102 -14.05 8.01 -21.36
C ILE D 102 -15.21 7.25 -21.97
N ALA D 103 -15.76 7.81 -23.04
CA ALA D 103 -16.87 7.21 -23.74
C ALA D 103 -16.52 5.81 -24.26
N GLU D 104 -15.27 5.64 -24.69
CA GLU D 104 -14.78 4.35 -25.11
C GLU D 104 -14.75 3.38 -23.95
N LEU D 105 -14.27 3.87 -22.80
CA LEU D 105 -14.18 3.05 -21.60
C LEU D 105 -15.55 2.64 -21.09
N LYS D 106 -16.43 3.61 -20.82
CA LYS D 106 -17.80 3.31 -20.37
C LYS D 106 -18.56 2.37 -21.28
N ALA D 107 -18.33 2.46 -22.58
CA ALA D 107 -18.95 1.58 -23.57
C ALA D 107 -18.41 0.15 -23.59
N SER D 108 -17.23 -0.06 -23.01
CA SER D 108 -16.52 -1.34 -23.01
C SER D 108 -17.09 -2.32 -21.99
N ASP D 109 -16.89 -3.61 -22.28
CA ASP D 109 -17.10 -4.70 -21.31
C ASP D 109 -15.79 -5.13 -20.60
N LEU D 110 -14.69 -5.13 -21.34
CA LEU D 110 -13.41 -5.63 -20.85
C LEU D 110 -12.34 -4.60 -21.19
N LEU D 111 -11.50 -4.26 -20.22
CA LEU D 111 -10.47 -3.28 -20.40
C LEU D 111 -9.16 -4.01 -20.30
N VAL D 112 -8.30 -3.87 -21.30
CA VAL D 112 -7.03 -4.61 -21.33
C VAL D 112 -5.87 -3.63 -21.46
N ILE D 113 -4.94 -3.72 -20.51
CA ILE D 113 -3.91 -2.73 -20.32
C ILE D 113 -2.54 -3.37 -20.39
N GLY D 114 -1.71 -2.89 -21.30
CA GLY D 114 -0.26 -3.13 -21.27
C GLY D 114 0.37 -2.14 -20.29
N ALA D 115 0.98 -2.68 -19.24
CA ALA D 115 1.55 -1.88 -18.17
C ALA D 115 2.81 -2.54 -17.67
N PRO D 116 3.91 -2.45 -18.47
CA PRO D 116 5.21 -2.91 -17.99
C PRO D 116 5.79 -1.93 -16.97
N MET D 117 6.80 -2.35 -16.22
CA MET D 117 7.33 -1.53 -15.12
C MET D 117 8.49 -0.70 -15.65
N TYR D 118 8.31 0.61 -15.77
CA TYR D 118 9.44 1.44 -16.17
C TYR D 118 9.81 2.29 -14.98
N ASN D 119 11.04 2.12 -14.48
CA ASN D 119 11.56 2.93 -13.37
C ASN D 119 10.58 2.92 -12.23
N LEU D 120 10.18 1.70 -11.87
CA LEU D 120 9.29 1.40 -10.75
C LEU D 120 7.88 1.93 -10.84
N ASN D 121 7.50 2.41 -12.02
CA ASN D 121 6.15 2.81 -12.28
C ASN D 121 5.69 2.20 -13.59
N VAL D 122 4.44 2.45 -13.93
CA VAL D 122 3.92 2.20 -15.28
C VAL D 122 4.49 3.22 -16.26
N PRO D 123 4.43 2.93 -17.58
CA PRO D 123 4.86 3.93 -18.59
C PRO D 123 4.17 5.26 -18.41
N THR D 124 4.81 6.37 -18.77
CA THR D 124 4.15 7.68 -18.66
C THR D 124 2.87 7.80 -19.48
N ASP D 125 2.87 7.14 -20.64
CA ASP D 125 1.75 7.26 -21.59
C ASP D 125 0.49 6.67 -20.94
N LEU D 126 0.63 5.58 -20.19
CA LEU D 126 -0.53 5.00 -19.49
C LEU D 126 -0.99 5.95 -18.38
N LYS D 127 -0.05 6.40 -17.58
CA LYS D 127 -0.36 7.35 -16.53
C LYS D 127 -1.13 8.55 -17.08
N LYS D 128 -0.72 9.06 -18.24
CA LYS D 128 -1.41 10.20 -18.85
C LYS D 128 -2.85 9.84 -19.15
N TRP D 129 -3.06 8.64 -19.68
CA TRP D 129 -4.39 8.12 -19.95
C TRP D 129 -5.30 8.17 -18.74
N PHE D 130 -4.78 7.78 -17.59
CA PHE D 130 -5.56 7.83 -16.36
C PHE D 130 -5.85 9.26 -15.91
N ASP D 131 -4.93 10.19 -16.17
CA ASP D 131 -5.20 11.60 -15.83
C ASP D 131 -6.33 12.18 -16.70
N LEU D 132 -6.46 11.68 -17.92
CA LEU D 132 -7.54 12.11 -18.81
C LEU D 132 -8.87 11.44 -18.52
N VAL D 133 -8.83 10.27 -17.88
CA VAL D 133 -10.02 9.43 -17.71
C VAL D 133 -10.58 9.42 -16.27
N ALA D 134 -9.72 9.50 -15.26
CA ALA D 134 -10.13 9.71 -13.87
C ALA D 134 -10.58 11.14 -13.72
N ARG D 135 -11.89 11.36 -13.86
CA ARG D 135 -12.45 12.70 -13.98
C ARG D 135 -13.68 12.81 -13.15
N ALA D 136 -13.72 13.80 -12.25
CA ALA D 136 -14.91 14.06 -11.45
C ALA D 136 -16.11 14.32 -12.36
N ARG D 137 -17.27 13.84 -11.91
CA ARG D 137 -18.50 13.93 -12.67
C ARG D 137 -18.55 12.97 -13.90
N GLU D 138 -17.40 12.44 -14.36
CA GLU D 138 -17.37 11.60 -15.57
C GLU D 138 -17.21 10.09 -15.30
N THR D 139 -16.09 9.67 -14.71
CA THR D 139 -15.90 8.28 -14.26
C THR D 139 -16.07 8.06 -12.74
N PHE D 140 -16.12 9.14 -11.99
CA PHE D 140 -16.42 9.09 -10.55
C PHE D 140 -17.06 10.39 -10.13
N ARG D 141 -17.83 10.35 -9.04
CA ARG D 141 -18.37 11.57 -8.46
C ARG D 141 -18.16 11.64 -6.95
N TYR D 142 -17.84 12.85 -6.51
CA TYR D 142 -17.62 13.16 -5.11
C TYR D 142 -18.84 12.97 -4.28
N THR D 143 -18.62 12.59 -3.03
CA THR D 143 -19.65 12.26 -2.05
C THR D 143 -19.19 12.97 -0.76
N GLU D 144 -20.04 13.06 0.26
CA GLU D 144 -19.57 13.56 1.59
C GLU D 144 -18.39 12.72 2.14
N SER D 145 -18.51 11.38 2.04
CA SER D 145 -17.43 10.42 2.31
C SER D 145 -16.56 10.07 1.07
N TRP D 146 -16.83 8.93 0.42
CA TRP D 146 -15.90 8.35 -0.54
C TRP D 146 -16.50 8.39 -1.94
N PRO D 147 -15.67 8.65 -2.96
CA PRO D 147 -16.22 8.89 -4.30
C PRO D 147 -16.87 7.65 -4.94
N GLN D 148 -17.99 7.85 -5.64
CA GLN D 148 -18.69 6.75 -6.30
C GLN D 148 -18.20 6.60 -7.71
N GLY D 149 -17.68 5.42 -8.01
CA GLY D 149 -17.29 5.10 -9.35
C GLY D 149 -18.48 5.04 -10.29
N LEU D 150 -18.29 5.54 -11.50
CA LEU D 150 -19.36 5.57 -12.49
C LEU D 150 -19.20 4.55 -13.60
N VAL D 151 -18.00 4.03 -13.83
CA VAL D 151 -17.79 3.11 -14.95
C VAL D 151 -18.44 1.81 -14.56
N GLU D 152 -19.45 1.39 -15.32
CA GLU D 152 -20.21 0.16 -15.00
C GLU D 152 -20.04 -0.99 -16.01
N GLY D 153 -20.05 -2.22 -15.49
CA GLY D 153 -19.92 -3.45 -16.30
C GLY D 153 -18.59 -3.61 -17.02
N VAL D 154 -17.49 -3.32 -16.33
CA VAL D 154 -16.17 -3.30 -16.91
C VAL D 154 -15.19 -4.02 -15.98
N ARG D 155 -14.69 -5.16 -16.46
CA ARG D 155 -13.54 -5.86 -15.89
C ARG D 155 -12.29 -5.28 -16.49
N ALA D 156 -11.19 -5.31 -15.74
CA ALA D 156 -9.86 -5.11 -16.31
C ALA D 156 -8.95 -6.34 -16.23
N VAL D 157 -8.04 -6.41 -17.19
CA VAL D 157 -6.95 -7.36 -17.17
C VAL D 157 -5.68 -6.60 -17.50
N VAL D 158 -4.76 -6.51 -16.55
CA VAL D 158 -3.54 -5.75 -16.76
C VAL D 158 -2.44 -6.75 -17.08
N VAL D 159 -1.73 -6.53 -18.18
CA VAL D 159 -0.56 -7.32 -18.57
C VAL D 159 0.64 -6.51 -18.08
N SER D 160 1.44 -7.10 -17.19
CA SER D 160 2.58 -6.38 -16.63
C SER D 160 3.78 -7.28 -16.63
N SER D 161 4.77 -6.92 -17.44
CA SER D 161 6.04 -7.62 -17.52
C SER D 161 7.11 -6.78 -16.83
N ARG D 162 8.09 -7.48 -16.23
CA ARG D 162 9.11 -6.86 -15.39
C ARG D 162 10.48 -7.50 -15.59
N GLY D 163 11.53 -6.68 -15.60
CA GLY D 163 12.90 -7.15 -15.74
C GLY D 163 13.25 -8.06 -14.59
N GLY D 164 13.03 -7.55 -13.38
CA GLY D 164 13.23 -8.30 -12.15
C GLY D 164 14.27 -7.64 -11.26
N ILE D 165 15.05 -8.46 -10.59
CA ILE D 165 16.12 -8.01 -9.69
C ILE D 165 17.21 -7.25 -10.43
N HIS D 166 17.76 -7.86 -11.48
CA HIS D 166 18.79 -7.26 -12.36
C HIS D 166 18.49 -5.77 -12.61
N GLN D 167 17.20 -5.43 -12.80
CA GLN D 167 16.72 -4.06 -13.07
C GLN D 167 16.19 -3.28 -11.84
N GLY D 168 16.32 -3.85 -10.64
CA GLY D 168 16.09 -3.14 -9.40
C GLY D 168 14.66 -3.13 -8.89
N GLU D 169 13.95 -4.24 -9.06
CA GLU D 169 12.57 -4.35 -8.58
C GLU D 169 12.51 -4.69 -7.08
N THR D 170 12.58 -3.65 -6.26
CA THR D 170 12.56 -3.79 -4.81
C THR D 170 11.13 -4.02 -4.32
N THR D 171 10.16 -3.28 -4.88
CA THR D 171 8.72 -3.54 -4.65
C THR D 171 7.88 -3.31 -5.91
N ASP D 172 6.73 -3.97 -5.94
CA ASP D 172 5.74 -3.77 -6.98
C ASP D 172 4.73 -2.77 -6.47
N ALA D 173 4.94 -1.51 -6.83
CA ALA D 173 3.99 -0.45 -6.59
C ALA D 173 3.03 -0.32 -7.77
N VAL D 174 3.38 -0.90 -8.92
CA VAL D 174 2.47 -0.93 -10.07
C VAL D 174 1.11 -1.60 -9.74
N THR D 175 1.16 -2.70 -9.03
CA THR D 175 -0.04 -3.49 -8.74
C THR D 175 -1.07 -2.74 -7.88
N PRO D 176 -0.67 -2.27 -6.68
CA PRO D 176 -1.57 -1.44 -5.88
C PRO D 176 -1.97 -0.13 -6.53
N TYR D 177 -1.12 0.45 -7.36
CA TYR D 177 -1.49 1.66 -8.11
C TYR D 177 -2.67 1.42 -9.00
N LEU D 178 -2.55 0.36 -9.81
CA LEU D 178 -3.53 0.10 -10.85
C LEU D 178 -4.85 -0.36 -10.27
N ARG D 179 -4.80 -1.13 -9.20
CA ARG D 179 -6.01 -1.49 -8.47
C ARG D 179 -6.74 -0.28 -7.87
N ALA D 180 -6.01 0.63 -7.25
CA ALA D 180 -6.62 1.80 -6.63
C ALA D 180 -7.25 2.73 -7.68
N VAL D 181 -6.48 3.07 -8.74
CA VAL D 181 -6.98 3.97 -9.79
C VAL D 181 -8.12 3.38 -10.62
N LEU D 182 -8.07 2.09 -10.94
CA LEU D 182 -9.20 1.47 -11.59
C LEU D 182 -10.39 1.40 -10.64
N GLY D 183 -10.11 1.05 -9.38
CA GLY D 183 -11.07 1.06 -8.30
C GLY D 183 -11.79 2.38 -8.17
N LEU D 184 -11.05 3.49 -8.02
CA LEU D 184 -11.62 4.86 -7.96
C LEU D 184 -12.77 5.07 -8.95
N MET D 185 -12.58 4.61 -10.18
CA MET D 185 -13.61 4.84 -11.21
C MET D 185 -14.65 3.72 -11.28
N GLY D 186 -14.62 2.81 -10.31
CA GLY D 186 -15.64 1.77 -10.17
C GLY D 186 -15.25 0.43 -10.75
N ILE D 187 -14.08 0.33 -11.38
CA ILE D 187 -13.60 -0.96 -11.88
C ILE D 187 -12.95 -1.74 -10.72
N GLN D 188 -13.72 -2.67 -10.15
CA GLN D 188 -13.31 -3.53 -9.02
C GLN D 188 -12.73 -4.86 -9.45
N GLU D 189 -13.14 -5.34 -10.61
CA GLU D 189 -12.74 -6.65 -11.11
C GLU D 189 -11.48 -6.48 -11.96
N VAL D 190 -10.33 -6.79 -11.37
CA VAL D 190 -9.02 -6.63 -12.00
C VAL D 190 -8.16 -7.90 -11.86
N GLU D 191 -7.75 -8.49 -12.97
CA GLU D 191 -6.80 -9.62 -12.96
C GLU D 191 -5.48 -9.16 -13.57
N PHE D 192 -4.38 -9.73 -13.11
CA PHE D 192 -3.08 -9.47 -13.72
C PHE D 192 -2.52 -10.66 -14.48
N ILE D 193 -1.83 -10.34 -15.56
CA ILE D 193 -0.94 -11.28 -16.21
C ILE D 193 0.48 -10.79 -15.95
N TYR D 194 1.12 -11.41 -14.97
CA TYR D 194 2.49 -11.10 -14.66
C TYR D 194 3.41 -11.86 -15.58
N ALA D 195 4.51 -11.20 -15.95
CA ALA D 195 5.62 -11.84 -16.68
C ALA D 195 6.87 -11.36 -15.97
N GLU D 196 7.25 -12.09 -14.92
CA GLU D 196 8.26 -11.63 -13.95
C GLU D 196 9.70 -12.17 -14.21
N GLY D 197 10.68 -11.42 -13.70
CA GLY D 197 12.09 -11.81 -13.71
C GLY D 197 12.64 -12.21 -15.07
N LEU D 198 12.41 -11.37 -16.07
CA LEU D 198 12.72 -11.71 -17.46
C LEU D 198 14.22 -11.60 -17.72
N ASP D 199 14.83 -10.59 -17.11
CA ASP D 199 16.29 -10.40 -17.09
C ASP D 199 17.12 -11.44 -16.31
N ASN D 200 16.49 -12.35 -15.58
CA ASN D 200 17.23 -13.44 -14.92
C ASN D 200 17.94 -14.37 -15.91
N ARG D 201 19.15 -14.80 -15.53
CA ARG D 201 20.01 -15.64 -16.34
C ARG D 201 19.85 -17.10 -15.92
N PRO D 202 19.77 -18.05 -16.86
CA PRO D 202 19.71 -17.84 -18.32
C PRO D 202 18.27 -17.86 -18.90
N HIS D 203 17.35 -18.58 -18.25
CA HIS D 203 16.01 -18.85 -18.78
C HIS D 203 14.95 -17.84 -18.34
N GLY D 204 15.34 -16.73 -17.73
CA GLY D 204 14.39 -15.82 -17.09
C GLY D 204 13.24 -15.45 -18.00
N ARG D 205 13.60 -14.94 -19.16
CA ARG D 205 12.62 -14.56 -20.17
C ARG D 205 11.66 -15.71 -20.48
N ASP D 206 12.21 -16.84 -20.96
CA ASP D 206 11.42 -18.05 -21.32
C ASP D 206 10.46 -18.54 -20.21
N ALA D 207 10.90 -18.42 -18.96
CA ALA D 207 10.10 -18.87 -17.81
C ALA D 207 8.96 -17.89 -17.49
N GLY D 208 9.28 -16.60 -17.50
CA GLY D 208 8.29 -15.53 -17.35
C GLY D 208 7.21 -15.51 -18.43
N ILE D 209 7.56 -16.00 -19.63
CA ILE D 209 6.61 -16.08 -20.75
C ILE D 209 5.75 -17.33 -20.66
N ALA D 210 6.34 -18.44 -20.22
CA ALA D 210 5.55 -19.66 -19.97
C ALA D 210 4.55 -19.40 -18.82
N SER D 211 4.95 -18.55 -17.86
CA SER D 211 4.12 -18.16 -16.73
C SER D 211 2.97 -17.32 -17.23
N ALA D 212 3.33 -16.26 -17.96
CA ALA D 212 2.35 -15.41 -18.60
C ALA D 212 1.35 -16.24 -19.38
N ARG D 213 1.83 -17.10 -20.27
CA ARG D 213 0.92 -17.95 -21.09
C ARG D 213 -0.01 -18.86 -20.31
N ALA D 214 0.46 -19.33 -19.15
CA ALA D 214 -0.35 -20.18 -18.27
C ALA D 214 -1.50 -19.41 -17.62
N GLN D 215 -1.21 -18.17 -17.22
CA GLN D 215 -2.21 -17.31 -16.67
C GLN D 215 -3.20 -16.91 -17.76
N ILE D 216 -2.69 -16.58 -18.94
CA ILE D 216 -3.50 -16.35 -20.14
C ILE D 216 -4.45 -17.51 -20.45
N ALA D 217 -3.94 -18.72 -20.35
CA ALA D 217 -4.77 -19.92 -20.55
C ALA D 217 -5.92 -19.93 -19.58
N ARG D 218 -5.63 -19.65 -18.31
CA ARG D 218 -6.68 -19.59 -17.26
C ARG D 218 -7.66 -18.40 -17.40
N LEU D 219 -7.12 -17.23 -17.72
CA LEU D 219 -7.94 -16.02 -17.79
C LEU D 219 -8.77 -15.86 -19.06
N ALA D 220 -8.43 -16.62 -20.11
CA ALA D 220 -9.19 -16.58 -21.36
C ALA D 220 -10.56 -17.24 -21.29
N VAL D 221 -10.73 -18.13 -20.34
CA VAL D 221 -11.94 -18.95 -20.26
C VAL D 221 -13.23 -18.19 -19.99
N PRO D 222 -13.25 -17.30 -18.96
CA PRO D 222 -14.51 -16.72 -18.45
C PRO D 222 -15.49 -16.06 -19.42
N ALA D 223 -15.09 -15.00 -20.13
CA ALA D 223 -16.01 -14.13 -20.94
C ALA D 223 -15.86 -12.68 -20.56
#